data_6CD2
#
_entry.id   6CD2
#
_cell.length_a   204.303
_cell.length_b   300.710
_cell.length_c   100.515
_cell.angle_alpha   90.00
_cell.angle_beta   90.00
_cell.angle_gamma   90.00
#
_symmetry.space_group_name_H-M   'C 2 2 21'
#
loop_
_entity.id
_entity.type
_entity.pdbx_description
1 polymer 'Chaperone protein PapD'
2 polymer 'PapGII adhesin protein'
3 polymer 'Outer membrane usher protein PapC'
#
loop_
_entity_poly.entity_id
_entity_poly.type
_entity_poly.pdbx_seq_one_letter_code
_entity_poly.pdbx_strand_id
1 'polypeptide(L)'
;AVSLDRTRAVFDGSEKSMTLDISNDNKQLPYLAQAWIENENQEKIITGPVIATPPVQRLEPGAKSMVRLSTTPDISKLPQ
DRESLFYFNLREIPPRSEKANVLQIALQTKIKLFYRPAAIKTRPNEVWQDQLILNKVSGGYRIENPTPYYVTVIGLGGSE
KQAEEGEFETVMLSPRSEQTVKSANYNTPYLSYINDYGGRPVLSFICNGSRCSVKHHHHHH
;
A
2 'polypeptide(L)'
;WNNIVFYSLGDVNSYQGGNVVITQRPQFITSWRPGIATVTWNQCNGPEFADGFWAYYREYIAWVVFPKKVMTQNGYPLFI
EVHNKGSWSEENTGDNDSYFFLKGYKWDERAFDAGNLCQKPGEITRLTEKFDDIIFKVALPADLPLGDYSVKIPYTSGMQ
RHFASYLGARFKIPYNVAKTLPRENEMLFLFKNIGGCRPSAQSLEIKHGDLSINSANNHYAAQTLSVSCDVPANIRFMLL
RNTTPTYSHGKKFSVGLGHGWDSIVSVNGVDTGETTMRWYKAGTQNLTIGSRLYGESSKIQPGVLSGSATLLMILP
;
B
3 'polypeptide(L)'
;VEFNTDVLDAADKKNIDFTRFSEAGYVLPG(UNK)(UNK)(UNK)(UNK)(UNK)(UNK)(UNK)(UNK)(UNK)(UNK)
(UNK)(UNK)(UNK)(UNK)(UNK)(UNK)(UNK)(UNK)(UNK)(UNK)(UNK)(UNK)(UNK)(UNK)(UNK)(UNK)
(UNK)(UNK)(UNK)(UNK)(UNK)(UNK)(UNK)(UNK)(UNK)(UNK)(UNK)(UNK)(UNK)(UNK)(UNK)(UNK)
(UNK)(UNK)(UNK)(UNK)(UNK)(UNK)(UNK)(UNK)(UNK)(UNK)(UNK)(UNK)(UNK)(UNK)(UNK)(UNK)
(UNK)(UNK)(UNK)(UNK)(UNK)(UNK)(UNK)(UNK)(UNK)(UNK)(UNK)(UNK)(UNK)(UNK)(UNK)(UNK)
(UNK)(UNK)(UNK)(UNK)(UNK)(UNK)(UNK)(UNK)(UNK)(UNK)(UNK)(UNK)(UNK)(UNK)(UNK)(UNK)
(UNK)LPPSRWDDGIPGLMLDYNLNGTVSRNYQGGDSHQFSYNGTVGGNLGPWRLRADYQGSQEQSRYNGEKTTNRNFTW
SRFYLFRAIPRWRANLTLGENNINSDIFRSWSYTGASLESDDRMLPPRLRGYAPQITGIAETNARVVVSQQGRVLYDSMV
PAGPFSIQDLDSSVRGRLDVEVIEQNGRKKTFQVDTASVPYLTRPGQVRYKLVSGRSRGYGHETEGPVFATGEASWGLSN
QWSLYGGAVLAGDYNALAAGAGWDLGVPGTLSADITQSVARIEGERTFQGKSWRLSYSKRFDNADADITFAGYRFSERNY
MTMEQYLNARYRNDYSSREKEMYTVTLNKNVADWNTSFNLQYSRQTYWDIRKTDYYTVSVNRYFNVFGLQGVAVGLSASR
SKYLGRDNDSAYLRISVPLGTGTASYSGSMSNDRYVNMAGYTDTFNDGLDSYSLNAGLNSGGGLTSQRQINAYYSHRSPL
ANLSANIASLQKGYTSFGVSASGGA(UNK)(UNK)(UNK)(UNK)(UNK)(UNK)(UNK)(UNK)(UNK)(UNK)(UNK)
(UNK)(UNK)(UNK)(UNK)(UNK)(UNK)(UNK)(UNK)(UNK)(UNK)(UNK)(UNK)(UNK)(UNK)(UNK)(UNK)
(UNK)(UNK)(UNK)(UNK)(UNK)(UNK)(UNK)(UNK)(UNK)(UNK)(UNK)(UNK)(UNK)(UNK)(UNK)GKRLF
AILRLADGSQPPFGASVTSEKGRELGMVADEGLAWLSGVTPGETLSVNWDGKIQCQVNVPETAISDQQLLLPCTPQKLVP
RGSHHHHHH
;
C
#
# COMPACT_ATOMS: atom_id res chain seq x y z
N ALA A 1 2.86 33.62 -19.23
CA ALA A 1 1.63 33.51 -20.09
C ALA A 1 0.88 32.20 -19.81
N VAL A 2 0.40 32.07 -18.59
CA VAL A 2 -0.41 30.93 -18.19
C VAL A 2 -1.81 31.01 -18.79
N SER A 3 -2.39 29.85 -19.10
CA SER A 3 -3.72 29.75 -19.69
C SER A 3 -4.45 28.51 -19.18
N LEU A 4 -5.77 28.45 -19.40
CA LEU A 4 -6.61 27.33 -18.95
C LEU A 4 -6.79 26.24 -19.95
N ASP A 5 -7.32 25.12 -19.46
CA ASP A 5 -7.55 23.94 -20.27
C ASP A 5 -8.85 23.97 -21.10
N ARG A 6 -9.84 24.74 -20.65
CA ARG A 6 -11.16 24.74 -21.29
C ARG A 6 -11.74 26.13 -21.33
N THR A 7 -12.60 26.36 -22.31
CA THR A 7 -13.26 27.65 -22.45
C THR A 7 -14.27 27.92 -21.35
N ARG A 8 -14.90 26.87 -20.81
CA ARG A 8 -16.07 26.96 -19.91
C ARG A 8 -16.17 25.70 -19.03
N ALA A 9 -16.56 25.85 -17.76
CA ALA A 9 -16.47 24.73 -16.79
C ALA A 9 -17.77 24.39 -16.09
N VAL A 10 -18.12 23.10 -16.12
CA VAL A 10 -19.39 22.63 -15.57
C VAL A 10 -19.18 21.80 -14.30
N PHE A 11 -19.75 22.29 -13.20
CA PHE A 11 -19.56 21.67 -11.92
C PHE A 11 -20.70 20.70 -11.66
N ASP A 12 -20.32 19.45 -11.45
CA ASP A 12 -21.27 18.39 -11.22
C ASP A 12 -21.72 18.45 -9.79
N GLY A 13 -23.03 18.48 -9.57
CA GLY A 13 -23.59 18.59 -8.22
C GLY A 13 -23.45 17.35 -7.37
N SER A 14 -23.29 16.20 -8.03
CA SER A 14 -23.04 14.94 -7.38
C SER A 14 -21.71 14.95 -6.71
N GLU A 15 -20.73 15.57 -7.38
CA GLU A 15 -19.34 15.50 -6.94
C GLU A 15 -18.89 16.71 -6.09
N LYS A 16 -17.80 16.48 -5.39
CA LYS A 16 -17.37 17.39 -4.35
C LYS A 16 -16.43 18.43 -4.88
N SER A 17 -15.74 18.13 -5.95
CA SER A 17 -14.76 19.06 -6.48
C SER A 17 -14.53 18.84 -7.98
N MET A 18 -13.53 19.51 -8.53
CA MET A 18 -13.06 19.21 -9.89
C MET A 18 -11.75 19.96 -10.16
N THR A 19 -10.89 19.34 -10.96
CA THR A 19 -9.58 19.87 -11.27
C THR A 19 -9.54 20.48 -12.68
N LEU A 20 -9.06 21.71 -12.79
CA LEU A 20 -8.86 22.40 -14.07
C LEU A 20 -7.37 22.62 -14.31
N ASP A 21 -6.84 22.08 -15.39
CA ASP A 21 -5.43 22.28 -15.71
C ASP A 21 -5.16 23.71 -16.14
N ILE A 22 -3.99 24.21 -15.75
CA ILE A 22 -3.44 25.47 -16.25
C ILE A 22 -2.07 25.12 -16.82
N SER A 23 -1.41 26.06 -17.50
CA SER A 23 -0.02 25.82 -17.93
C SER A 23 0.72 27.09 -18.32
N ASN A 24 1.90 27.28 -17.72
CA ASN A 24 2.75 28.42 -18.02
C ASN A 24 3.49 28.16 -19.33
N ASP A 25 2.91 28.66 -20.41
CA ASP A 25 3.41 28.39 -21.75
C ASP A 25 4.62 29.25 -22.09
N ASN A 26 4.91 30.26 -21.27
CA ASN A 26 6.20 30.96 -21.34
C ASN A 26 7.27 30.07 -20.74
N LYS A 27 8.37 29.91 -21.47
CA LYS A 27 9.47 29.02 -21.07
C LYS A 27 10.75 29.76 -20.67
N GLN A 28 10.73 31.08 -20.75
CA GLN A 28 11.87 31.91 -20.35
C GLN A 28 11.77 32.39 -18.90
N LEU A 29 10.54 32.54 -18.39
CA LEU A 29 10.30 33.12 -17.08
C LEU A 29 9.28 32.32 -16.28
N PRO A 30 9.36 32.38 -14.94
CA PRO A 30 8.31 31.84 -14.08
C PRO A 30 7.18 32.83 -13.87
N TYR A 31 5.99 32.32 -13.57
CA TYR A 31 4.78 33.14 -13.42
C TYR A 31 3.97 32.67 -12.21
N LEU A 32 3.12 33.55 -11.70
CA LEU A 32 2.18 33.21 -10.66
C LEU A 32 0.79 33.19 -11.22
N ALA A 33 0.07 32.14 -10.91
CA ALA A 33 -1.29 31.97 -11.38
C ALA A 33 -2.27 32.22 -10.24
N GLN A 34 -2.75 33.46 -10.14
CA GLN A 34 -3.89 33.77 -9.26
C GLN A 34 -5.16 33.20 -9.84
N ALA A 35 -5.94 32.54 -9.00
CA ALA A 35 -7.17 31.85 -9.41
C ALA A 35 -8.30 32.24 -8.45
N TRP A 36 -9.48 32.60 -8.98
CA TRP A 36 -10.62 32.91 -8.09
C TRP A 36 -12.02 32.67 -8.63
N ILE A 37 -13.03 32.75 -7.76
CA ILE A 37 -14.43 32.54 -8.14
C ILE A 37 -15.22 33.80 -7.93
N GLU A 38 -16.18 34.00 -8.82
CA GLU A 38 -17.10 35.13 -8.82
C GLU A 38 -18.55 34.64 -8.92
N ASN A 39 -19.45 35.38 -8.28
CA ASN A 39 -20.90 35.14 -8.40
C ASN A 39 -21.48 35.60 -9.75
N GLU A 40 -22.77 35.33 -9.95
CA GLU A 40 -23.44 35.72 -11.19
C GLU A 40 -23.41 37.22 -11.42
N ASN A 41 -23.14 38.01 -10.40
CA ASN A 41 -22.90 39.44 -10.57
C ASN A 41 -21.48 39.81 -10.89
N GLN A 42 -20.64 38.81 -11.18
CA GLN A 42 -19.23 39.00 -11.49
C GLN A 42 -18.42 39.73 -10.44
N GLU A 43 -18.77 39.49 -9.18
CA GLU A 43 -18.05 40.02 -8.03
C GLU A 43 -17.39 38.79 -7.41
N LYS A 44 -16.29 39.04 -6.70
CA LYS A 44 -15.51 37.99 -6.01
C LYS A 44 -16.29 37.37 -4.87
N ILE A 45 -16.18 36.04 -4.71
CA ILE A 45 -16.77 35.35 -3.54
C ILE A 45 -15.75 34.46 -2.80
N ILE A 46 -15.39 34.92 -1.60
CA ILE A 46 -14.22 34.41 -0.89
C ILE A 46 -14.48 33.27 0.09
N THR A 47 -15.71 33.21 0.61
CA THR A 47 -16.14 32.06 1.39
C THR A 47 -17.20 31.24 0.62
N GLY A 48 -17.39 31.58 -0.66
CA GLY A 48 -18.65 31.32 -1.43
C GLY A 48 -18.99 29.86 -1.63
N PRO A 49 -20.23 29.55 -2.08
CA PRO A 49 -20.60 28.13 -2.22
C PRO A 49 -19.61 27.32 -3.06
N VAL A 50 -18.95 27.97 -3.99
CA VAL A 50 -17.84 27.35 -4.67
C VAL A 50 -16.59 28.12 -4.35
N ILE A 51 -15.47 27.42 -4.25
CA ILE A 51 -14.19 28.08 -4.02
C ILE A 51 -13.12 27.41 -4.81
N ALA A 52 -12.07 28.17 -5.11
CA ALA A 52 -10.97 27.71 -5.93
C ALA A 52 -9.71 27.78 -5.11
N THR A 53 -8.94 26.71 -5.15
CA THR A 53 -7.77 26.57 -4.29
C THR A 53 -6.71 25.91 -5.13
N PRO A 54 -5.50 26.44 -5.21
CA PRO A 54 -4.97 27.51 -4.39
C PRO A 54 -5.14 28.89 -4.99
N PRO A 55 -5.33 29.91 -4.15
CA PRO A 55 -5.53 31.24 -4.67
C PRO A 55 -4.36 31.82 -5.45
N VAL A 56 -3.12 31.41 -5.14
CA VAL A 56 -1.93 31.78 -5.94
C VAL A 56 -0.89 30.66 -5.92
N GLN A 57 -0.13 30.51 -7.02
CA GLN A 57 0.96 29.50 -7.10
C GLN A 57 2.04 29.89 -8.11
N ARG A 58 3.31 29.62 -7.77
CA ARG A 58 4.40 29.82 -8.74
C ARG A 58 4.39 28.67 -9.74
N LEU A 59 4.25 29.00 -11.02
CA LEU A 59 4.54 28.08 -12.13
C LEU A 59 5.92 28.43 -12.65
N GLU A 60 6.85 27.49 -12.50
CA GLU A 60 8.18 27.60 -13.08
C GLU A 60 8.04 27.64 -14.64
N PRO A 61 8.98 28.31 -15.36
CA PRO A 61 8.86 28.40 -16.81
C PRO A 61 8.55 27.06 -17.43
N GLY A 62 7.45 27.01 -18.19
CA GLY A 62 7.05 25.78 -18.88
C GLY A 62 6.16 24.85 -18.07
N ALA A 63 6.01 25.06 -16.77
CA ALA A 63 5.38 24.06 -15.90
C ALA A 63 3.86 24.08 -16.02
N LYS A 64 3.27 22.89 -16.12
CA LYS A 64 1.82 22.74 -16.11
C LYS A 64 1.35 22.43 -14.71
N SER A 65 0.13 22.86 -14.35
CA SER A 65 -0.43 22.62 -13.00
C SER A 65 -1.98 22.56 -13.00
N MET A 66 -2.58 22.53 -11.82
CA MET A 66 -4.03 22.46 -11.66
C MET A 66 -4.56 23.51 -10.69
N VAL A 67 -5.87 23.63 -10.66
CA VAL A 67 -6.62 24.40 -9.66
C VAL A 67 -7.78 23.49 -9.26
N ARG A 68 -8.34 23.69 -8.06
CA ARG A 68 -9.44 22.84 -7.59
C ARG A 68 -10.68 23.66 -7.24
N LEU A 69 -11.68 23.61 -8.12
CA LEU A 69 -13.02 24.08 -7.81
C LEU A 69 -13.67 23.10 -6.82
N SER A 70 -14.32 23.64 -5.78
CA SER A 70 -14.91 22.82 -4.72
C SER A 70 -16.02 23.51 -3.92
N THR A 71 -16.74 22.67 -3.20
CA THR A 71 -17.98 22.99 -2.53
C THR A 71 -17.87 23.30 -1.02
N THR A 72 -18.75 24.16 -0.56
CA THR A 72 -19.00 24.38 0.85
C THR A 72 -20.45 24.06 1.08
N PRO A 73 -20.81 23.55 2.24
CA PRO A 73 -22.21 23.14 2.47
C PRO A 73 -23.29 24.23 2.43
N ASP A 74 -22.91 25.49 2.29
CA ASP A 74 -23.84 26.55 1.85
C ASP A 74 -24.27 26.44 0.34
N ILE A 75 -23.80 25.40 -0.33
CA ILE A 75 -24.31 25.01 -1.63
C ILE A 75 -25.75 24.56 -1.50
N SER A 76 -26.12 23.97 -0.36
CA SER A 76 -27.50 23.54 -0.19
C SER A 76 -28.50 24.70 -0.24
N LYS A 77 -28.08 25.91 0.08
CA LYS A 77 -28.92 27.12 -0.11
C LYS A 77 -29.19 27.46 -1.61
N LEU A 78 -28.41 26.90 -2.53
CA LEU A 78 -28.67 27.04 -3.96
C LEU A 78 -29.92 26.28 -4.37
N PRO A 79 -30.52 26.65 -5.50
CA PRO A 79 -31.64 25.88 -6.03
C PRO A 79 -31.14 24.62 -6.70
N GLN A 80 -31.85 23.53 -6.45
CA GLN A 80 -31.46 22.21 -6.93
C GLN A 80 -32.13 21.79 -8.23
N ASP A 81 -33.19 22.48 -8.64
CA ASP A 81 -33.88 22.14 -9.91
C ASP A 81 -33.39 22.93 -11.15
N ARG A 82 -32.19 23.52 -11.08
CA ARG A 82 -31.66 24.35 -12.17
C ARG A 82 -30.23 24.81 -11.88
N GLU A 83 -29.48 25.10 -12.94
CA GLU A 83 -28.07 25.46 -12.78
C GLU A 83 -28.01 26.84 -12.19
N SER A 84 -26.92 27.11 -11.46
CA SER A 84 -26.61 28.43 -10.90
C SER A 84 -25.28 28.86 -11.49
N LEU A 85 -25.14 30.16 -11.67
CA LEU A 85 -24.06 30.72 -12.49
C LEU A 85 -22.96 31.29 -11.63
N PHE A 86 -21.72 30.92 -11.95
CA PHE A 86 -20.54 31.55 -11.38
C PHE A 86 -19.55 31.84 -12.51
N TYR A 87 -18.40 32.40 -12.18
CA TYR A 87 -17.32 32.49 -13.15
C TYR A 87 -16.02 32.23 -12.45
N PHE A 88 -15.23 31.33 -13.00
CA PHE A 88 -13.88 31.06 -12.54
C PHE A 88 -12.87 31.85 -13.33
N ASN A 89 -12.14 32.71 -12.65
CA ASN A 89 -11.12 33.52 -13.29
C ASN A 89 -9.73 32.87 -13.10
N LEU A 90 -8.74 33.41 -13.80
CA LEU A 90 -7.31 33.10 -13.59
C LEU A 90 -6.49 34.29 -14.13
N ARG A 91 -5.66 34.90 -13.28
CA ARG A 91 -4.82 36.05 -13.67
C ARG A 91 -3.35 35.70 -13.50
N GLU A 92 -2.56 35.94 -14.54
CA GLU A 92 -1.12 35.69 -14.49
C GLU A 92 -0.49 36.87 -13.78
N ILE A 93 0.51 36.59 -12.96
CA ILE A 93 1.28 37.64 -12.34
C ILE A 93 2.70 37.47 -12.85
N PRO A 94 3.20 38.50 -13.56
CA PRO A 94 4.52 38.40 -14.13
C PRO A 94 5.57 38.71 -13.10
N PRO A 95 6.81 38.30 -13.35
CA PRO A 95 7.91 38.87 -12.60
C PRO A 95 7.91 40.36 -12.80
N ARG A 96 7.99 41.15 -11.74
CA ARG A 96 8.13 42.60 -11.88
C ARG A 96 9.29 42.85 -12.84
N SER A 97 9.11 43.82 -13.73
CA SER A 97 9.97 43.95 -14.90
C SER A 97 11.31 44.62 -14.58
N GLU A 98 12.30 44.32 -15.40
CA GLU A 98 13.58 45.03 -15.37
C GLU A 98 13.36 46.56 -15.40
N LYS A 99 14.24 47.30 -14.71
CA LYS A 99 14.08 48.75 -14.58
C LYS A 99 14.25 49.52 -15.92
N ALA A 100 13.12 49.85 -16.54
CA ALA A 100 13.04 50.91 -17.56
C ALA A 100 11.61 51.41 -17.57
N ASN A 101 11.33 52.51 -18.25
CA ASN A 101 9.94 52.93 -18.42
C ASN A 101 9.25 51.87 -19.25
N VAL A 102 8.23 51.24 -18.67
CA VAL A 102 7.64 50.03 -19.21
C VAL A 102 6.22 49.88 -18.72
N LEU A 103 5.29 49.68 -19.63
CA LEU A 103 3.94 49.28 -19.27
C LEU A 103 3.87 47.77 -19.37
N GLN A 104 3.42 47.17 -18.28
CA GLN A 104 3.38 45.73 -18.14
C GLN A 104 1.93 45.30 -18.29
N ILE A 105 1.67 44.34 -19.17
CA ILE A 105 0.32 43.82 -19.40
C ILE A 105 0.26 42.41 -18.83
N ALA A 106 -0.94 42.02 -18.39
CA ALA A 106 -1.17 40.72 -17.77
C ALA A 106 -2.45 40.01 -18.20
N LEU A 107 -2.30 38.90 -18.91
CA LEU A 107 -3.45 38.15 -19.39
C LEU A 107 -4.29 37.61 -18.26
N GLN A 108 -5.60 37.55 -18.46
CA GLN A 108 -6.51 36.89 -17.53
C GLN A 108 -7.70 36.26 -18.25
N THR A 109 -7.82 34.94 -18.14
CA THR A 109 -9.00 34.25 -18.62
C THR A 109 -10.13 34.42 -17.63
N LYS A 110 -11.36 34.42 -18.13
CA LYS A 110 -12.54 34.50 -17.28
C LYS A 110 -13.67 33.69 -17.90
N ILE A 111 -13.69 32.42 -17.55
CA ILE A 111 -14.67 31.47 -18.08
C ILE A 111 -15.91 31.41 -17.21
N LYS A 112 -16.91 30.76 -17.77
CA LYS A 112 -18.18 30.55 -17.10
C LYS A 112 -18.08 29.29 -16.25
N LEU A 113 -18.84 29.26 -15.15
CA LEU A 113 -18.87 28.12 -14.25
C LEU A 113 -20.31 27.76 -13.92
N PHE A 114 -20.72 26.55 -14.24
CA PHE A 114 -22.13 26.20 -14.11
C PHE A 114 -22.25 25.21 -13.00
N TYR A 115 -22.81 25.64 -11.86
CA TYR A 115 -23.16 24.65 -10.82
C TYR A 115 -24.40 23.97 -11.33
N ARG A 116 -24.28 22.66 -11.57
CA ARG A 116 -25.37 21.86 -12.04
C ARG A 116 -25.60 20.79 -10.98
N PRO A 117 -26.72 20.93 -10.24
CA PRO A 117 -27.19 19.91 -9.30
C PRO A 117 -27.22 18.47 -9.82
N ALA A 118 -27.31 17.53 -8.92
CA ALA A 118 -27.40 16.12 -9.31
C ALA A 118 -28.76 15.77 -9.84
N ALA A 119 -29.77 16.52 -9.39
CA ALA A 119 -31.15 16.34 -9.82
C ALA A 119 -31.34 16.63 -11.30
N ILE A 120 -30.57 17.58 -11.82
CA ILE A 120 -30.58 17.89 -13.23
C ILE A 120 -29.29 17.39 -13.90
N LYS A 121 -28.69 16.33 -13.38
CA LYS A 121 -27.40 15.93 -13.92
C LYS A 121 -27.63 15.36 -15.31
N THR A 122 -26.96 15.97 -16.28
CA THR A 122 -26.97 15.58 -17.70
C THR A 122 -26.51 14.15 -18.02
N ARG A 123 -27.05 13.60 -19.11
CA ARG A 123 -26.52 12.36 -19.72
C ARG A 123 -25.04 12.51 -20.13
N PRO A 124 -24.30 11.39 -20.09
CA PRO A 124 -22.88 11.49 -20.47
C PRO A 124 -22.77 11.90 -21.91
N ASN A 125 -23.60 11.29 -22.77
CA ASN A 125 -23.84 11.74 -24.13
C ASN A 125 -24.22 13.21 -24.09
N GLU A 126 -23.67 13.99 -25.03
CA GLU A 126 -24.12 15.35 -25.19
C GLU A 126 -25.63 15.26 -25.26
N VAL A 127 -26.31 15.74 -24.23
CA VAL A 127 -27.76 15.78 -24.25
C VAL A 127 -28.14 16.94 -25.14
N TRP A 128 -29.26 16.78 -25.82
CA TRP A 128 -29.89 17.82 -26.62
C TRP A 128 -29.97 19.20 -25.94
N GLN A 129 -30.74 19.33 -24.86
CA GLN A 129 -31.25 20.64 -24.42
C GLN A 129 -31.52 21.54 -25.66
N ASP A 130 -32.37 21.01 -26.55
CA ASP A 130 -32.70 21.66 -27.85
C ASP A 130 -34.06 22.34 -27.81
N GLN A 131 -34.77 22.17 -26.71
CA GLN A 131 -36.13 22.70 -26.59
C GLN A 131 -35.96 24.18 -26.57
N LEU A 132 -36.41 24.84 -27.62
CA LEU A 132 -36.29 26.29 -27.70
C LEU A 132 -37.42 26.70 -28.59
N ILE A 133 -37.85 27.95 -28.46
CA ILE A 133 -39.13 28.35 -29.04
C ILE A 133 -39.01 29.80 -29.46
N LEU A 134 -38.49 30.01 -30.66
CA LEU A 134 -38.28 31.36 -31.18
C LEU A 134 -39.65 31.89 -31.55
N ASN A 135 -40.06 32.98 -30.89
CA ASN A 135 -41.34 33.61 -31.18
C ASN A 135 -41.16 34.97 -31.82
N LYS A 136 -41.87 35.19 -32.94
CA LYS A 136 -41.72 36.42 -33.70
C LYS A 136 -42.44 37.56 -33.02
N VAL A 137 -41.78 38.72 -32.97
CA VAL A 137 -42.37 39.99 -32.53
C VAL A 137 -41.70 41.16 -33.27
N SER A 138 -42.19 42.37 -33.04
CA SER A 138 -41.69 43.56 -33.76
C SER A 138 -40.21 43.80 -33.45
N GLY A 139 -39.38 43.77 -34.49
CA GLY A 139 -37.92 43.89 -34.38
C GLY A 139 -37.15 42.57 -34.44
N GLY A 140 -37.85 41.44 -34.37
CA GLY A 140 -37.25 40.09 -34.45
C GLY A 140 -37.92 38.99 -33.62
N TYR A 141 -37.10 38.08 -33.09
CA TYR A 141 -37.59 36.94 -32.31
C TYR A 141 -37.46 37.20 -30.83
N ARG A 142 -38.26 36.47 -30.06
CA ARG A 142 -38.17 36.42 -28.60
C ARG A 142 -37.92 34.96 -28.23
N ILE A 143 -36.71 34.65 -27.77
CA ILE A 143 -36.33 33.23 -27.61
C ILE A 143 -36.70 32.67 -26.22
N GLU A 144 -37.65 31.74 -26.22
CA GLU A 144 -37.97 30.97 -25.02
C GLU A 144 -36.94 29.87 -24.74
N ASN A 145 -36.75 29.60 -23.45
CA ASN A 145 -35.97 28.48 -22.92
C ASN A 145 -36.58 28.05 -21.59
N PRO A 146 -37.43 27.01 -21.62
CA PRO A 146 -37.98 26.42 -20.42
C PRO A 146 -37.21 25.17 -20.00
N THR A 147 -35.92 25.10 -20.34
CA THR A 147 -34.99 24.15 -19.72
C THR A 147 -34.44 24.66 -18.36
N PRO A 148 -34.05 23.74 -17.48
CA PRO A 148 -33.42 24.16 -16.25
C PRO A 148 -31.88 24.34 -16.41
N TYR A 149 -31.42 25.00 -17.47
CA TYR A 149 -29.98 25.10 -17.73
C TYR A 149 -29.63 26.41 -18.42
N TYR A 150 -28.44 26.92 -18.16
CA TYR A 150 -27.94 28.12 -18.84
C TYR A 150 -27.56 27.73 -20.27
N VAL A 151 -27.86 28.63 -21.22
CA VAL A 151 -27.62 28.39 -22.67
C VAL A 151 -27.22 29.68 -23.38
N THR A 152 -25.98 29.71 -23.88
CA THR A 152 -25.52 30.83 -24.70
C THR A 152 -25.76 30.51 -26.19
N VAL A 153 -26.68 31.27 -26.81
CA VAL A 153 -26.88 31.33 -28.28
C VAL A 153 -25.87 32.30 -28.90
N ILE A 154 -25.00 31.81 -29.77
CA ILE A 154 -23.91 32.61 -30.34
C ILE A 154 -24.25 33.22 -31.74
N GLY A 155 -25.28 32.68 -32.40
CA GLY A 155 -25.73 33.24 -33.67
C GLY A 155 -27.18 32.91 -34.03
N LEU A 156 -27.72 33.70 -34.96
CA LEU A 156 -29.04 33.47 -35.55
C LEU A 156 -29.04 33.91 -37.03
N GLY A 157 -29.61 33.07 -37.90
CA GLY A 157 -29.65 33.36 -39.35
C GLY A 157 -30.67 32.55 -40.18
N GLY A 158 -30.66 32.82 -41.48
CA GLY A 158 -31.50 32.11 -42.42
C GLY A 158 -30.99 30.72 -42.74
N SER A 159 -29.68 30.56 -42.80
CA SER A 159 -29.04 29.26 -43.10
C SER A 159 -27.98 28.92 -42.07
N GLU A 160 -27.48 27.69 -42.18
CA GLU A 160 -26.36 27.20 -41.35
C GLU A 160 -25.07 28.01 -41.57
N LYS A 161 -24.89 28.60 -42.75
CA LYS A 161 -23.77 29.49 -43.03
C LYS A 161 -23.88 30.84 -42.31
N GLN A 162 -25.09 31.39 -42.29
CA GLN A 162 -25.38 32.72 -41.71
C GLN A 162 -25.27 32.71 -40.20
N ALA A 163 -25.79 31.64 -39.59
CA ALA A 163 -25.65 31.44 -38.17
C ALA A 163 -24.19 31.29 -37.80
N GLU A 164 -23.43 30.53 -38.60
CA GLU A 164 -21.99 30.30 -38.34
C GLU A 164 -21.13 31.55 -38.56
N GLU A 165 -21.38 32.29 -39.64
CA GLU A 165 -20.52 33.40 -40.06
C GLU A 165 -21.04 34.80 -39.71
N GLY A 166 -22.37 34.96 -39.70
CA GLY A 166 -22.99 36.29 -39.71
C GLY A 166 -22.99 36.99 -38.37
N GLU A 167 -22.91 38.32 -38.40
CA GLU A 167 -22.75 39.13 -37.18
C GLU A 167 -23.99 39.09 -36.28
N PHE A 168 -23.74 38.96 -34.98
CA PHE A 168 -24.78 38.77 -33.93
C PHE A 168 -24.15 38.98 -32.57
N GLU A 169 -24.85 39.74 -31.72
CA GLU A 169 -24.40 40.00 -30.36
C GLU A 169 -24.89 38.82 -29.51
N THR A 170 -23.93 38.11 -28.91
CA THR A 170 -24.19 36.83 -28.19
C THR A 170 -25.11 37.06 -27.02
N VAL A 171 -25.99 36.11 -26.77
CA VAL A 171 -26.91 36.20 -25.65
C VAL A 171 -26.91 34.90 -24.90
N MET A 172 -26.86 34.99 -23.55
CA MET A 172 -26.94 33.86 -22.63
C MET A 172 -28.33 33.90 -22.00
N LEU A 173 -29.10 32.84 -22.21
CA LEU A 173 -30.44 32.72 -21.68
C LEU A 173 -30.44 31.89 -20.36
N SER A 174 -30.81 32.54 -19.26
CA SER A 174 -30.98 31.88 -17.97
C SER A 174 -32.03 30.77 -18.06
N PRO A 175 -31.93 29.73 -17.22
CA PRO A 175 -33.00 28.75 -17.24
C PRO A 175 -34.33 29.34 -16.85
N ARG A 176 -35.37 28.92 -17.57
CA ARG A 176 -36.72 29.44 -17.43
C ARG A 176 -36.84 30.97 -17.59
N SER A 177 -36.38 31.45 -18.76
CA SER A 177 -36.47 32.87 -19.16
C SER A 177 -36.89 32.98 -20.61
N GLU A 178 -37.52 34.11 -20.97
CA GLU A 178 -37.78 34.50 -22.39
C GLU A 178 -37.17 35.89 -22.59
N GLN A 179 -36.53 36.09 -23.74
CA GLN A 179 -35.77 37.31 -23.99
C GLN A 179 -35.80 37.69 -25.48
N THR A 180 -36.01 38.98 -25.74
CA THR A 180 -36.12 39.47 -27.11
C THR A 180 -34.75 39.79 -27.68
N VAL A 181 -34.53 39.33 -28.92
CA VAL A 181 -33.31 39.61 -29.64
C VAL A 181 -33.66 40.17 -31.04
N LYS A 182 -32.79 41.04 -31.54
CA LYS A 182 -33.01 41.70 -32.81
C LYS A 182 -32.48 40.84 -33.95
N SER A 183 -33.32 40.67 -34.98
CA SER A 183 -33.00 39.84 -36.16
C SER A 183 -34.06 39.99 -37.23
N ALA A 184 -33.64 39.92 -38.50
CA ALA A 184 -34.61 39.86 -39.61
C ALA A 184 -35.40 38.55 -39.55
N ASN A 185 -36.68 38.57 -39.97
CA ASN A 185 -37.50 37.35 -40.01
C ASN A 185 -36.88 36.33 -40.94
N TYR A 186 -36.93 35.06 -40.54
CA TYR A 186 -36.46 33.97 -41.38
C TYR A 186 -37.56 32.94 -41.56
N ASN A 187 -37.73 32.53 -42.80
CA ASN A 187 -38.73 31.54 -43.11
C ASN A 187 -38.40 30.26 -42.35
N THR A 188 -37.15 29.83 -42.50
CA THR A 188 -36.58 28.76 -41.69
C THR A 188 -35.38 29.36 -40.95
N PRO A 189 -35.45 29.44 -39.59
CA PRO A 189 -34.32 29.96 -38.82
C PRO A 189 -33.28 28.92 -38.42
N TYR A 190 -32.15 29.45 -37.95
CA TYR A 190 -30.96 28.67 -37.58
C TYR A 190 -30.24 29.33 -36.38
N LEU A 191 -30.34 28.74 -35.17
CA LEU A 191 -29.63 29.22 -33.90
C LEU A 191 -28.39 28.39 -33.58
N SER A 192 -27.29 29.05 -33.22
CA SER A 192 -26.01 28.36 -32.98
C SER A 192 -25.68 28.40 -31.47
N TYR A 193 -25.61 27.22 -30.83
CA TYR A 193 -25.37 27.10 -29.38
C TYR A 193 -23.86 27.07 -29.09
N ILE A 194 -23.48 26.97 -27.81
CA ILE A 194 -22.12 26.53 -27.38
C ILE A 194 -22.37 25.43 -26.35
N ASN A 195 -22.02 24.19 -26.68
CA ASN A 195 -22.33 23.00 -25.81
C ASN A 195 -21.33 22.80 -24.67
N ASP A 196 -21.71 22.08 -23.62
CA ASP A 196 -20.81 21.85 -22.46
C ASP A 196 -19.34 21.73 -22.89
N TYR A 197 -19.10 20.83 -23.82
CA TYR A 197 -17.75 20.44 -24.24
C TYR A 197 -16.99 21.57 -24.95
N GLY A 198 -17.74 22.49 -25.56
CA GLY A 198 -17.18 23.75 -25.98
C GLY A 198 -17.48 24.09 -27.40
N GLY A 199 -17.56 23.07 -28.25
CA GLY A 199 -17.88 23.27 -29.67
C GLY A 199 -19.22 23.96 -29.94
N ARG A 200 -19.34 24.56 -31.12
CA ARG A 200 -20.48 25.39 -31.42
C ARG A 200 -21.39 24.65 -32.39
N PRO A 201 -22.52 24.06 -31.92
CA PRO A 201 -23.46 23.42 -32.84
C PRO A 201 -24.40 24.39 -33.57
N VAL A 202 -25.27 23.83 -34.43
CA VAL A 202 -26.37 24.59 -35.06
C VAL A 202 -27.67 23.80 -35.03
N LEU A 203 -28.69 24.41 -34.42
CA LEU A 203 -30.08 23.94 -34.46
C LEU A 203 -30.77 24.64 -35.63
N SER A 204 -31.70 23.93 -36.30
CA SER A 204 -32.55 24.47 -37.38
C SER A 204 -34.05 24.35 -37.06
N PHE A 205 -34.80 25.38 -37.48
CA PHE A 205 -36.16 25.62 -36.98
C PHE A 205 -37.23 25.58 -38.07
N ILE A 206 -38.49 25.54 -37.63
CA ILE A 206 -39.69 25.41 -38.50
C ILE A 206 -40.81 26.32 -37.98
N CYS A 207 -41.08 27.42 -38.69
CA CYS A 207 -41.93 28.49 -38.14
C CYS A 207 -43.41 28.39 -38.52
N ASN A 208 -44.25 27.97 -37.56
CA ASN A 208 -45.70 27.78 -37.76
C ASN A 208 -46.53 28.96 -37.21
N GLY A 209 -46.42 30.12 -37.85
CA GLY A 209 -47.06 31.34 -37.38
C GLY A 209 -46.02 32.11 -36.60
N SER A 210 -46.35 32.48 -35.36
CA SER A 210 -45.38 33.16 -34.46
C SER A 210 -44.35 32.20 -33.87
N ARG A 211 -44.83 31.03 -33.45
CA ARG A 211 -44.02 30.00 -32.80
C ARG A 211 -43.15 29.22 -33.80
N CYS A 212 -41.87 29.05 -33.48
CA CYS A 212 -40.94 28.27 -34.29
C CYS A 212 -40.25 27.26 -33.41
N SER A 213 -40.55 25.97 -33.59
CA SER A 213 -39.80 24.92 -32.88
C SER A 213 -38.68 24.38 -33.77
N VAL A 214 -37.81 23.55 -33.18
CA VAL A 214 -36.70 22.92 -33.91
C VAL A 214 -37.17 21.74 -34.76
N LYS A 215 -36.39 21.44 -35.79
CA LYS A 215 -36.87 20.67 -36.94
C LYS A 215 -37.10 19.18 -36.69
N TRP B 1 18.02 -21.13 -2.33
CA TRP B 1 17.50 -21.03 -3.73
C TRP B 1 16.42 -19.95 -3.86
N ASN B 2 16.45 -19.21 -4.98
CA ASN B 2 15.46 -18.18 -5.28
C ASN B 2 14.84 -18.44 -6.65
N ASN B 3 13.54 -18.20 -6.76
CA ASN B 3 12.76 -18.60 -7.93
C ASN B 3 11.69 -17.58 -8.31
N ILE B 4 11.75 -17.06 -9.54
CA ILE B 4 10.86 -15.98 -9.98
C ILE B 4 10.03 -16.41 -11.20
N VAL B 5 8.73 -16.10 -11.18
CA VAL B 5 7.79 -16.39 -12.28
C VAL B 5 6.88 -15.19 -12.48
N PHE B 6 6.51 -14.93 -13.73
CA PHE B 6 5.61 -13.83 -14.05
C PHE B 6 4.50 -14.33 -14.97
N TYR B 7 3.30 -13.77 -14.78
CA TYR B 7 2.15 -14.01 -15.65
C TYR B 7 1.66 -12.68 -16.22
N SER B 8 1.28 -12.66 -17.50
CA SER B 8 0.72 -11.46 -18.15
C SER B 8 -0.77 -11.63 -18.43
N LEU B 9 -1.57 -10.75 -17.85
CA LEU B 9 -3.03 -10.82 -17.98
C LEU B 9 -3.57 -10.56 -19.38
N GLY B 10 -2.96 -9.63 -20.10
CA GLY B 10 -3.35 -9.37 -21.46
C GLY B 10 -4.73 -8.76 -21.64
N ASP B 11 -5.21 -8.00 -20.66
CA ASP B 11 -6.53 -7.31 -20.70
C ASP B 11 -6.81 -6.38 -21.89
N VAL B 12 -8.04 -6.46 -22.42
CA VAL B 12 -8.51 -5.61 -23.54
C VAL B 12 -9.74 -4.81 -23.17
N ASN B 13 -9.73 -3.51 -23.46
CA ASN B 13 -10.87 -2.63 -23.20
C ASN B 13 -10.69 -1.24 -23.82
N SER B 14 -11.77 -0.48 -23.88
CA SER B 14 -11.75 0.86 -24.45
C SER B 14 -12.37 1.90 -23.53
N TYR B 15 -11.90 3.14 -23.61
CA TYR B 15 -12.44 4.24 -22.79
C TYR B 15 -12.74 5.49 -23.62
N GLN B 16 -13.99 5.99 -23.51
CA GLN B 16 -14.38 7.22 -24.19
C GLN B 16 -14.02 8.45 -23.35
N GLY B 17 -13.02 9.20 -23.83
CA GLY B 17 -12.64 10.48 -23.21
C GLY B 17 -13.62 11.58 -23.56
N GLY B 18 -14.31 11.42 -24.67
CA GLY B 18 -15.33 12.37 -25.09
C GLY B 18 -14.70 13.57 -25.77
N ASN B 19 -15.52 14.59 -25.96
CA ASN B 19 -15.14 15.76 -26.73
C ASN B 19 -14.28 16.68 -25.88
N VAL B 20 -13.13 17.08 -26.41
CA VAL B 20 -12.20 17.95 -25.69
C VAL B 20 -11.61 19.01 -26.60
N VAL B 21 -11.23 20.13 -26.00
CA VAL B 21 -10.52 21.18 -26.71
C VAL B 21 -9.05 20.76 -26.84
N ILE B 22 -8.27 21.31 -27.76
CA ILE B 22 -6.84 20.91 -27.88
C ILE B 22 -6.09 21.15 -26.58
N THR B 23 -6.33 22.30 -25.96
CA THR B 23 -5.68 22.63 -24.69
C THR B 23 -6.12 21.69 -23.55
N GLN B 24 -7.38 21.25 -23.60
CA GLN B 24 -7.91 20.29 -22.63
C GLN B 24 -7.21 18.95 -22.75
N ARG B 25 -7.07 18.30 -21.60
CA ARG B 25 -6.40 17.02 -21.47
C ARG B 25 -7.49 16.00 -21.16
N PRO B 26 -7.74 15.06 -22.09
CA PRO B 26 -8.76 14.03 -21.85
C PRO B 26 -8.20 12.92 -20.99
N GLN B 27 -9.04 11.98 -20.55
CA GLN B 27 -8.57 10.92 -19.66
C GLN B 27 -9.14 9.52 -19.91
N PHE B 28 -8.38 8.52 -19.46
CA PHE B 28 -8.81 7.12 -19.46
C PHE B 28 -8.35 6.40 -18.20
N ILE B 29 -9.02 5.30 -17.88
CA ILE B 29 -8.80 4.56 -16.63
C ILE B 29 -8.34 3.12 -16.91
N THR B 30 -7.13 2.76 -16.47
CA THR B 30 -6.57 1.43 -16.71
C THR B 30 -6.85 0.50 -15.54
N SER B 31 -8.00 -0.16 -15.60
CA SER B 31 -8.42 -1.04 -14.53
C SER B 31 -7.62 -2.33 -14.51
N TRP B 32 -7.16 -2.70 -13.31
CA TRP B 32 -6.73 -4.06 -13.04
C TRP B 32 -7.98 -4.95 -13.01
N ARG B 33 -7.91 -6.11 -13.67
CA ARG B 33 -9.02 -7.06 -13.70
C ARG B 33 -8.51 -8.47 -13.54
N PRO B 34 -9.13 -9.26 -12.66
CA PRO B 34 -8.85 -10.70 -12.64
C PRO B 34 -9.08 -11.37 -13.99
N GLY B 35 -8.50 -12.55 -14.16
CA GLY B 35 -8.58 -13.29 -15.42
C GLY B 35 -7.57 -14.41 -15.51
N ILE B 36 -7.41 -14.94 -16.71
CA ILE B 36 -6.53 -16.08 -16.95
C ILE B 36 -5.19 -15.56 -17.47
N ALA B 37 -4.20 -15.49 -16.58
CA ALA B 37 -2.89 -14.89 -16.88
C ALA B 37 -1.88 -15.93 -17.33
N THR B 38 -1.27 -15.71 -18.50
CA THR B 38 -0.29 -16.63 -19.10
C THR B 38 1.14 -16.28 -18.68
N VAL B 39 1.94 -17.26 -18.24
CA VAL B 39 3.39 -17.02 -18.03
C VAL B 39 4.10 -16.64 -19.34
N THR B 40 4.97 -15.64 -19.23
CA THR B 40 5.81 -15.20 -20.36
C THR B 40 7.29 -14.99 -20.02
N TRP B 41 7.66 -14.99 -18.74
CA TRP B 41 9.05 -14.83 -18.31
C TRP B 41 9.25 -15.39 -16.90
N ASN B 42 10.42 -15.97 -16.66
CA ASN B 42 10.77 -16.54 -15.37
C ASN B 42 12.28 -16.68 -15.18
N GLN B 43 12.70 -16.77 -13.92
CA GLN B 43 14.11 -16.97 -13.55
C GLN B 43 14.20 -18.02 -12.43
N CYS B 44 14.47 -19.27 -12.81
CA CYS B 44 14.38 -20.38 -11.89
C CYS B 44 15.73 -20.98 -11.47
N ASN B 45 15.89 -21.13 -10.15
CA ASN B 45 17.14 -21.59 -9.55
C ASN B 45 16.88 -22.41 -8.28
N GLY B 46 15.90 -23.30 -8.36
CA GLY B 46 15.47 -24.11 -7.23
C GLY B 46 14.71 -25.34 -7.67
N PRO B 47 13.94 -25.97 -6.76
CA PRO B 47 13.15 -27.15 -7.14
C PRO B 47 12.06 -26.80 -8.15
N GLU B 48 11.82 -27.70 -9.11
CA GLU B 48 10.84 -27.44 -10.14
C GLU B 48 9.43 -27.46 -9.56
N PHE B 49 9.13 -28.55 -8.84
CA PHE B 49 7.82 -28.71 -8.21
C PHE B 49 7.92 -28.72 -6.68
N ALA B 50 6.79 -28.55 -6.01
CA ALA B 50 6.73 -28.45 -4.55
C ALA B 50 5.90 -29.58 -3.95
N ASP B 51 6.30 -30.00 -2.74
CA ASP B 51 5.68 -31.14 -2.01
C ASP B 51 5.45 -30.79 -0.54
N GLY B 52 4.74 -31.68 0.16
CA GLY B 52 4.43 -31.48 1.57
C GLY B 52 5.59 -31.55 2.56
N PHE B 53 6.71 -32.15 2.14
CA PHE B 53 7.85 -32.39 3.04
C PHE B 53 8.53 -31.12 3.56
N TRP B 54 8.68 -30.12 2.69
CA TRP B 54 9.47 -28.92 3.02
C TRP B 54 8.69 -27.61 2.78
N ALA B 55 8.92 -26.65 3.67
CA ALA B 55 8.27 -25.33 3.62
C ALA B 55 9.05 -24.37 2.73
N TYR B 56 8.40 -23.26 2.38
CA TYR B 56 9.05 -22.21 1.59
C TYR B 56 8.32 -20.87 1.74
N TYR B 57 9.08 -19.80 1.63
CA TYR B 57 8.58 -18.43 1.82
C TYR B 57 8.13 -17.85 0.49
N ARG B 58 7.21 -16.89 0.56
CA ARG B 58 6.59 -16.31 -0.63
C ARG B 58 6.87 -14.81 -0.78
N GLU B 59 6.55 -14.31 -1.96
CA GLU B 59 6.47 -12.88 -2.23
C GLU B 59 5.76 -12.72 -3.57
N TYR B 60 4.58 -12.11 -3.55
CA TYR B 60 3.86 -11.81 -4.78
C TYR B 60 3.84 -10.29 -5.00
N ILE B 61 4.10 -9.86 -6.24
CA ILE B 61 4.12 -8.43 -6.62
C ILE B 61 3.39 -8.24 -7.95
N ALA B 62 2.60 -7.16 -8.04
CA ALA B 62 1.91 -6.80 -9.28
C ALA B 62 2.80 -5.98 -10.18
N TRP B 63 2.38 -5.88 -11.44
CA TRP B 63 3.08 -5.09 -12.44
C TRP B 63 2.11 -4.50 -13.46
N VAL B 64 2.37 -3.25 -13.83
CA VAL B 64 1.75 -2.61 -14.99
C VAL B 64 2.84 -1.76 -15.64
N VAL B 65 3.37 -2.21 -16.78
CA VAL B 65 4.39 -1.46 -17.51
C VAL B 65 3.70 -0.64 -18.60
N PHE B 66 3.32 0.58 -18.25
CA PHE B 66 2.54 1.41 -19.13
C PHE B 66 3.49 2.35 -19.85
N PRO B 67 3.31 2.51 -21.17
CA PRO B 67 4.19 3.34 -21.98
C PRO B 67 4.03 4.84 -21.71
N LYS B 68 5.16 5.54 -21.70
CA LYS B 68 5.19 6.96 -21.38
C LYS B 68 4.59 7.78 -22.52
N LYS B 69 4.83 7.38 -23.78
CA LYS B 69 4.32 8.11 -24.94
C LYS B 69 3.77 7.22 -26.06
N VAL B 70 2.92 7.82 -26.88
CA VAL B 70 2.26 7.13 -28.00
C VAL B 70 2.07 8.11 -29.16
N MET B 71 2.00 7.60 -30.40
CA MET B 71 1.72 8.43 -31.57
C MET B 71 0.47 7.98 -32.30
N THR B 72 -0.37 8.95 -32.67
CA THR B 72 -1.62 8.66 -33.40
C THR B 72 -1.34 8.17 -34.82
N GLN B 73 -2.33 7.47 -35.38
CA GLN B 73 -2.21 6.96 -36.75
C GLN B 73 -2.03 8.13 -37.71
N ASN B 74 -2.58 9.28 -37.35
CA ASN B 74 -2.38 10.49 -38.14
C ASN B 74 -0.91 10.85 -38.22
N GLY B 75 -0.11 10.26 -37.32
CA GLY B 75 1.32 10.48 -37.29
C GLY B 75 1.74 11.46 -36.21
N TYR B 76 0.78 12.23 -35.68
CA TYR B 76 1.04 13.11 -34.56
C TYR B 76 1.29 12.25 -33.32
N PRO B 77 2.16 12.71 -32.39
CA PRO B 77 2.44 11.89 -31.24
C PRO B 77 1.78 12.43 -29.98
N LEU B 78 0.98 11.58 -29.34
CA LEU B 78 0.36 11.93 -28.05
C LEU B 78 1.30 11.73 -26.88
N PHE B 79 1.00 12.42 -25.79
CA PHE B 79 1.73 12.25 -24.53
C PHE B 79 0.76 11.96 -23.40
N ILE B 80 1.12 10.97 -22.60
CA ILE B 80 0.30 10.48 -21.48
C ILE B 80 0.84 10.97 -20.14
N GLU B 81 -0.07 11.28 -19.22
CA GLU B 81 0.31 11.69 -17.88
C GLU B 81 -0.53 10.95 -16.83
N VAL B 82 0.05 10.78 -15.64
CA VAL B 82 -0.59 10.06 -14.54
C VAL B 82 -1.40 11.02 -13.68
N HIS B 83 -2.72 10.96 -13.83
CA HIS B 83 -3.62 11.84 -13.08
C HIS B 83 -3.79 11.31 -11.67
N ASN B 84 -4.17 10.03 -11.57
CA ASN B 84 -4.40 9.40 -10.27
C ASN B 84 -3.92 7.95 -10.24
N LYS B 85 -2.83 7.70 -9.53
CA LYS B 85 -2.19 6.38 -9.52
C LYS B 85 -2.85 5.44 -8.52
N GLY B 86 -3.16 5.94 -7.33
CA GLY B 86 -3.74 5.13 -6.26
C GLY B 86 -2.71 4.60 -5.27
N SER B 87 -3.01 3.46 -4.66
CA SER B 87 -2.09 2.81 -3.71
C SER B 87 -0.92 2.09 -4.41
N TRP B 88 -0.96 2.05 -5.74
CA TRP B 88 0.19 1.66 -6.55
C TRP B 88 1.43 2.51 -6.26
N SER B 89 2.60 1.90 -6.47
CA SER B 89 3.88 2.58 -6.35
C SER B 89 4.56 2.68 -7.70
N GLU B 90 4.56 3.88 -8.29
CA GLU B 90 5.40 4.18 -9.45
C GLU B 90 6.84 4.23 -8.95
N GLU B 91 7.76 3.60 -9.66
CA GLU B 91 9.13 3.41 -9.14
C GLU B 91 10.24 3.60 -10.16
N ASN B 92 10.00 4.38 -11.22
CA ASN B 92 11.07 4.67 -12.16
C ASN B 92 10.88 5.96 -12.95
N THR B 93 11.40 7.05 -12.40
CA THR B 93 11.47 8.32 -13.08
C THR B 93 12.53 8.33 -14.18
N GLY B 94 13.69 7.72 -13.87
CA GLY B 94 14.88 7.76 -14.74
C GLY B 94 14.65 7.33 -16.18
N ASP B 95 13.93 6.23 -16.36
CA ASP B 95 13.58 5.75 -17.69
C ASP B 95 12.44 6.59 -18.27
N ASN B 96 12.59 6.96 -19.54
CA ASN B 96 11.64 7.84 -20.23
C ASN B 96 10.47 7.12 -20.90
N ASP B 97 10.74 5.95 -21.46
CA ASP B 97 9.79 5.24 -22.35
C ASP B 97 8.49 4.79 -21.68
N SER B 98 8.59 4.24 -20.47
CA SER B 98 7.43 3.67 -19.79
C SER B 98 7.39 4.03 -18.31
N TYR B 99 6.17 4.06 -17.81
CA TYR B 99 5.93 4.12 -16.38
C TYR B 99 6.11 2.72 -15.86
N PHE B 100 6.39 2.63 -14.56
CA PHE B 100 6.59 1.36 -13.89
C PHE B 100 5.81 1.35 -12.58
N PHE B 101 4.56 0.87 -12.66
CA PHE B 101 3.68 0.71 -11.49
C PHE B 101 3.71 -0.71 -10.99
N LEU B 102 3.79 -0.86 -9.68
CA LEU B 102 3.89 -2.18 -9.05
C LEU B 102 3.35 -2.15 -7.61
N LYS B 103 3.00 -3.31 -7.08
CA LYS B 103 2.49 -3.43 -5.71
C LYS B 103 2.83 -4.78 -5.11
N GLY B 104 3.54 -4.78 -3.99
CA GLY B 104 3.80 -6.01 -3.25
C GLY B 104 2.58 -6.48 -2.45
N TYR B 105 2.00 -7.62 -2.86
CA TYR B 105 0.88 -8.22 -2.12
C TYR B 105 1.41 -8.96 -0.90
N LYS B 106 2.14 -10.06 -1.12
CA LYS B 106 2.70 -10.89 -0.05
C LYS B 106 4.22 -10.72 0.06
N TRP B 107 4.76 -11.04 1.23
CA TRP B 107 6.19 -10.98 1.49
C TRP B 107 6.51 -11.83 2.72
N ASP B 108 7.38 -12.84 2.55
CA ASP B 108 7.73 -13.82 3.59
C ASP B 108 6.55 -14.68 4.08
N GLU B 109 5.59 -14.95 3.21
CA GLU B 109 4.45 -15.82 3.54
C GLU B 109 4.92 -17.27 3.53
N ARG B 110 5.11 -17.85 4.72
CA ARG B 110 5.66 -19.20 4.85
C ARG B 110 4.57 -20.22 4.53
N ALA B 111 4.65 -20.82 3.33
CA ALA B 111 3.59 -21.69 2.80
C ALA B 111 4.10 -23.09 2.45
N PHE B 112 3.23 -24.07 2.65
CA PHE B 112 3.52 -25.48 2.35
C PHE B 112 2.80 -25.98 1.09
N ASP B 113 2.07 -25.10 0.39
CA ASP B 113 1.19 -25.51 -0.71
C ASP B 113 1.95 -26.20 -1.86
N ALA B 114 1.58 -27.46 -2.13
CA ALA B 114 2.25 -28.26 -3.16
C ALA B 114 1.72 -27.91 -4.53
N GLY B 115 2.60 -27.97 -5.53
CA GLY B 115 2.27 -27.57 -6.90
C GLY B 115 3.48 -27.06 -7.66
N ASN B 116 3.23 -26.28 -8.71
CA ASN B 116 4.29 -25.85 -9.63
C ASN B 116 4.95 -24.55 -9.21
N LEU B 117 6.24 -24.62 -8.87
CA LEU B 117 7.03 -23.43 -8.55
C LEU B 117 7.70 -22.77 -9.77
N CYS B 118 7.74 -23.46 -10.92
CA CYS B 118 8.28 -22.89 -12.16
C CYS B 118 7.48 -23.33 -13.39
N GLN B 119 6.37 -22.66 -13.63
CA GLN B 119 5.60 -22.89 -14.84
C GLN B 119 6.32 -22.24 -16.01
N LYS B 120 6.77 -23.05 -16.97
CA LYS B 120 7.51 -22.57 -18.14
C LYS B 120 6.57 -21.86 -19.12
N PRO B 121 7.11 -20.93 -19.94
CA PRO B 121 6.35 -20.12 -20.90
C PRO B 121 5.22 -20.85 -21.64
N GLY B 122 4.03 -20.26 -21.68
CA GLY B 122 2.87 -20.86 -22.35
C GLY B 122 1.83 -21.48 -21.44
N GLU B 123 2.17 -21.71 -20.18
CA GLU B 123 1.23 -22.24 -19.17
C GLU B 123 0.41 -21.11 -18.56
N ILE B 124 -0.69 -21.45 -17.90
CA ILE B 124 -1.68 -20.45 -17.44
C ILE B 124 -2.19 -20.72 -16.01
N THR B 125 -2.58 -19.64 -15.30
CA THR B 125 -3.36 -19.74 -14.05
C THR B 125 -4.42 -18.64 -13.98
N ARG B 126 -5.42 -18.87 -13.14
CA ARG B 126 -6.54 -17.95 -12.95
C ARG B 126 -6.24 -17.02 -11.78
N LEU B 127 -5.73 -15.83 -12.09
CA LEU B 127 -5.47 -14.80 -11.08
C LEU B 127 -6.79 -14.20 -10.59
N THR B 128 -6.95 -14.12 -9.27
CA THR B 128 -8.16 -13.59 -8.64
C THR B 128 -7.82 -12.64 -7.50
N GLU B 129 -7.08 -11.58 -7.83
CA GLU B 129 -6.69 -10.55 -6.85
C GLU B 129 -6.95 -9.17 -7.45
N LYS B 130 -7.55 -8.28 -6.66
CA LYS B 130 -7.92 -6.94 -7.10
C LYS B 130 -6.85 -5.93 -6.71
N PHE B 131 -6.81 -4.82 -7.44
CA PHE B 131 -5.97 -3.68 -7.13
C PHE B 131 -6.68 -2.42 -7.55
N ASP B 132 -6.05 -1.28 -7.28
CA ASP B 132 -6.62 0.00 -7.69
C ASP B 132 -6.61 0.22 -9.21
N ASP B 133 -7.49 1.11 -9.64
CA ASP B 133 -7.50 1.60 -11.01
C ASP B 133 -6.40 2.66 -11.13
N ILE B 134 -5.64 2.65 -12.24
CA ILE B 134 -4.64 3.70 -12.55
C ILE B 134 -5.18 4.61 -13.64
N ILE B 135 -5.38 5.87 -13.30
CA ILE B 135 -5.97 6.86 -14.20
C ILE B 135 -4.87 7.64 -14.91
N PHE B 136 -5.13 7.93 -16.18
CA PHE B 136 -4.21 8.63 -17.07
C PHE B 136 -4.95 9.79 -17.72
N LYS B 137 -4.28 10.94 -17.86
CA LYS B 137 -4.81 12.11 -18.56
C LYS B 137 -3.81 12.47 -19.66
N VAL B 138 -4.30 12.60 -20.89
CA VAL B 138 -3.45 12.71 -22.09
C VAL B 138 -3.20 14.17 -22.51
N ALA B 139 -2.03 14.42 -23.08
CA ALA B 139 -1.62 15.76 -23.53
C ALA B 139 -1.67 15.79 -25.04
N LEU B 140 -2.23 16.86 -25.59
CA LEU B 140 -2.41 17.00 -27.02
C LEU B 140 -1.71 18.28 -27.50
N PRO B 141 -0.89 18.18 -28.57
CA PRO B 141 -0.26 19.38 -29.13
C PRO B 141 -1.28 20.23 -29.91
N ALA B 142 -1.00 21.52 -30.09
CA ALA B 142 -1.96 22.44 -30.78
C ALA B 142 -2.22 22.03 -32.23
N ASP B 143 -1.18 21.52 -32.87
CA ASP B 143 -1.26 21.05 -34.25
C ASP B 143 -2.09 19.76 -34.48
N LEU B 144 -2.51 19.08 -33.41
CA LEU B 144 -3.40 17.91 -33.54
C LEU B 144 -4.55 18.20 -34.48
N PRO B 145 -4.86 17.28 -35.41
CA PRO B 145 -5.97 17.58 -36.31
C PRO B 145 -7.30 17.42 -35.64
N LEU B 146 -8.26 18.24 -36.05
CA LEU B 146 -9.60 18.20 -35.50
C LEU B 146 -10.31 16.94 -35.92
N GLY B 147 -11.11 16.39 -35.02
CA GLY B 147 -11.98 15.26 -35.33
C GLY B 147 -11.84 14.11 -34.37
N ASP B 148 -12.26 12.93 -34.83
CA ASP B 148 -12.34 11.73 -34.01
C ASP B 148 -11.03 10.95 -34.04
N TYR B 149 -10.62 10.45 -32.87
CA TYR B 149 -9.43 9.63 -32.71
C TYR B 149 -9.75 8.28 -32.11
N SER B 150 -8.77 7.38 -32.19
CA SER B 150 -8.93 6.00 -31.75
C SER B 150 -7.55 5.38 -31.53
N VAL B 151 -6.86 5.87 -30.51
CA VAL B 151 -5.45 5.54 -30.25
C VAL B 151 -5.39 4.21 -29.50
N LYS B 152 -4.84 3.19 -30.14
CA LYS B 152 -4.62 1.89 -29.50
C LYS B 152 -3.30 1.91 -28.72
N ILE B 153 -3.40 1.80 -27.38
CA ILE B 153 -2.24 1.87 -26.48
C ILE B 153 -1.95 0.48 -25.88
N PRO B 154 -0.83 -0.15 -26.29
CA PRO B 154 -0.42 -1.43 -25.70
C PRO B 154 0.27 -1.26 -24.37
N TYR B 155 0.08 -2.20 -23.44
CA TYR B 155 0.82 -2.23 -22.16
C TYR B 155 0.97 -3.64 -21.59
N THR B 156 1.93 -3.84 -20.69
CA THR B 156 2.01 -5.12 -19.95
C THR B 156 1.28 -4.93 -18.64
N SER B 157 0.59 -5.97 -18.20
CA SER B 157 0.09 -6.02 -16.83
C SER B 157 0.02 -7.46 -16.35
N GLY B 158 0.35 -7.67 -15.07
CA GLY B 158 0.44 -9.03 -14.52
C GLY B 158 1.08 -9.15 -13.15
N MET B 159 1.00 -10.36 -12.57
CA MET B 159 1.48 -10.63 -11.19
C MET B 159 2.76 -11.47 -11.17
N GLN B 160 3.84 -10.85 -10.69
CA GLN B 160 5.11 -11.52 -10.41
C GLN B 160 4.95 -12.42 -9.18
N ARG B 161 5.54 -13.62 -9.23
CA ARG B 161 5.60 -14.55 -8.10
C ARG B 161 7.03 -14.81 -7.69
N HIS B 162 7.27 -14.89 -6.38
CA HIS B 162 8.61 -15.18 -5.84
C HIS B 162 8.53 -16.18 -4.68
N PHE B 163 8.82 -17.43 -4.99
CA PHE B 163 8.97 -18.49 -3.99
C PHE B 163 10.43 -18.53 -3.56
N ALA B 164 10.68 -18.69 -2.27
CA ALA B 164 12.04 -18.59 -1.71
C ALA B 164 12.31 -19.57 -0.56
N SER B 165 13.58 -19.95 -0.43
CA SER B 165 14.06 -20.74 0.71
C SER B 165 14.38 -19.83 1.88
N TYR B 166 15.08 -18.73 1.61
CA TYR B 166 15.53 -17.81 2.64
C TYR B 166 14.37 -17.00 3.23
N LEU B 167 14.47 -16.66 4.51
CA LEU B 167 13.53 -15.75 5.15
C LEU B 167 13.82 -14.33 4.66
N GLY B 168 12.83 -13.45 4.75
CA GLY B 168 13.01 -12.06 4.30
C GLY B 168 13.30 -11.97 2.81
N ALA B 169 12.53 -12.72 2.03
CA ALA B 169 12.67 -12.76 0.57
C ALA B 169 12.50 -11.36 -0.04
N ARG B 170 13.48 -10.96 -0.85
CA ARG B 170 13.45 -9.67 -1.55
C ARG B 170 14.07 -9.80 -2.94
N PHE B 171 13.25 -10.22 -3.91
CA PHE B 171 13.64 -10.34 -5.33
C PHE B 171 12.59 -9.72 -6.25
N LYS B 172 13.01 -8.79 -7.11
CA LYS B 172 12.10 -8.06 -7.99
C LYS B 172 12.68 -8.02 -9.38
N ILE B 173 11.80 -8.02 -10.38
CA ILE B 173 12.22 -8.00 -11.79
C ILE B 173 12.91 -6.65 -12.07
N PRO B 174 14.01 -6.66 -12.83
CA PRO B 174 14.64 -5.39 -13.23
C PRO B 174 13.78 -4.56 -14.18
N TYR B 175 13.92 -3.24 -14.13
CA TYR B 175 13.05 -2.35 -14.92
C TYR B 175 13.33 -2.52 -16.41
N ASN B 176 14.60 -2.65 -16.77
CA ASN B 176 15.00 -2.83 -18.15
C ASN B 176 14.29 -4.01 -18.77
N VAL B 177 14.39 -5.17 -18.12
CA VAL B 177 13.71 -6.39 -18.59
C VAL B 177 12.19 -6.29 -18.52
N ALA B 178 11.67 -5.58 -17.52
CA ALA B 178 10.22 -5.38 -17.41
C ALA B 178 9.66 -4.73 -18.68
N LYS B 179 10.39 -3.75 -19.21
CA LYS B 179 10.05 -3.10 -20.48
C LYS B 179 9.91 -4.09 -21.64
N THR B 180 10.82 -5.05 -21.72
CA THR B 180 10.82 -6.04 -22.81
C THR B 180 9.70 -7.09 -22.75
N LEU B 181 9.01 -7.19 -21.62
CA LEU B 181 7.96 -8.18 -21.46
C LEU B 181 6.85 -7.96 -22.49
N PRO B 182 6.09 -9.00 -22.84
CA PRO B 182 4.97 -8.84 -23.77
C PRO B 182 3.93 -7.86 -23.26
N ARG B 183 3.59 -6.87 -24.09
CA ARG B 183 2.57 -5.86 -23.76
C ARG B 183 1.20 -6.44 -24.13
N GLU B 184 0.85 -7.55 -23.50
CA GLU B 184 -0.30 -8.33 -23.94
C GLU B 184 -1.61 -7.61 -23.71
N ASN B 185 -1.69 -6.84 -22.63
CA ASN B 185 -2.91 -6.10 -22.30
C ASN B 185 -2.81 -4.63 -22.73
N GLU B 186 -3.70 -4.23 -23.62
CA GLU B 186 -3.78 -2.87 -24.13
C GLU B 186 -5.24 -2.53 -24.33
N MET B 187 -5.61 -1.27 -24.10
CA MET B 187 -6.99 -0.83 -24.20
C MET B 187 -7.12 0.38 -25.14
N LEU B 188 -8.01 0.25 -26.12
CA LEU B 188 -8.22 1.31 -27.10
C LEU B 188 -8.78 2.53 -26.41
N PHE B 189 -8.31 3.70 -26.81
CA PHE B 189 -8.77 4.96 -26.26
C PHE B 189 -9.40 5.79 -27.34
N LEU B 190 -10.67 6.16 -27.16
CA LEU B 190 -11.39 6.98 -28.12
C LEU B 190 -11.73 8.36 -27.55
N PHE B 191 -11.43 9.40 -28.32
CA PHE B 191 -11.72 10.78 -27.93
C PHE B 191 -11.89 11.66 -29.17
N LYS B 192 -12.51 12.82 -28.97
CA LYS B 192 -12.81 13.76 -30.04
C LYS B 192 -12.19 15.11 -29.74
N ASN B 193 -11.36 15.60 -30.67
CA ASN B 193 -10.74 16.91 -30.55
C ASN B 193 -11.53 17.96 -31.31
N ILE B 194 -12.30 18.75 -30.58
CA ILE B 194 -13.01 19.87 -31.19
C ILE B 194 -12.03 20.97 -31.57
N GLY B 195 -11.02 21.18 -30.75
CA GLY B 195 -10.04 22.23 -30.96
C GLY B 195 -10.44 23.52 -30.28
N GLY B 196 -9.46 24.39 -30.10
CA GLY B 196 -9.70 25.67 -29.46
C GLY B 196 -8.56 26.63 -29.64
N CYS B 197 -8.81 27.88 -29.26
CA CYS B 197 -7.87 28.95 -29.50
C CYS B 197 -6.96 29.09 -28.31
N ARG B 198 -5.73 29.53 -28.58
CA ARG B 198 -4.73 29.74 -27.55
C ARG B 198 -3.91 31.01 -27.86
N PRO B 199 -3.74 31.91 -26.85
CA PRO B 199 -3.07 33.16 -27.11
C PRO B 199 -1.56 32.98 -27.16
N SER B 200 -0.87 34.04 -27.54
CA SER B 200 0.59 34.03 -27.60
C SER B 200 1.17 33.83 -26.21
N ALA B 201 2.25 33.07 -26.13
CA ALA B 201 2.87 32.74 -24.85
C ALA B 201 4.19 33.51 -24.63
N GLN B 202 4.06 34.80 -24.34
CA GLN B 202 5.23 35.68 -24.26
C GLN B 202 5.05 36.82 -23.29
N SER B 203 6.17 37.46 -22.98
CA SER B 203 6.18 38.62 -22.10
C SER B 203 5.52 39.79 -22.82
N LEU B 204 4.62 40.47 -22.13
CA LEU B 204 3.98 41.67 -22.64
C LEU B 204 4.56 42.88 -21.89
N GLU B 205 5.70 43.32 -22.36
CA GLU B 205 6.28 44.57 -21.92
C GLU B 205 6.23 45.53 -23.11
N ILE B 206 6.01 46.82 -22.82
CA ILE B 206 5.98 47.88 -23.81
C ILE B 206 7.00 48.90 -23.32
N LYS B 207 8.05 49.18 -24.10
CA LYS B 207 9.13 50.03 -23.60
C LYS B 207 9.23 51.43 -24.26
N HIS B 208 9.37 52.45 -23.42
CA HIS B 208 9.78 53.81 -23.82
C HIS B 208 11.22 54.07 -23.30
N GLY B 209 12.13 54.47 -24.19
CA GLY B 209 13.56 54.58 -23.84
C GLY B 209 13.93 55.70 -22.87
N ASP B 210 13.48 56.92 -23.17
CA ASP B 210 13.93 58.13 -22.47
C ASP B 210 12.83 58.75 -21.61
N LEU B 211 13.19 59.12 -20.39
CA LEU B 211 12.31 59.86 -19.48
C LEU B 211 11.99 61.22 -20.10
N SER B 212 13.02 61.91 -20.58
CA SER B 212 12.87 63.19 -21.31
C SER B 212 12.26 64.31 -20.45
N ILE B 213 12.15 64.02 -19.14
CA ILE B 213 11.56 64.93 -18.21
C ILE B 213 10.22 65.32 -18.82
N ASN B 214 9.96 66.62 -18.92
CA ASN B 214 8.73 67.11 -19.51
C ASN B 214 8.56 66.83 -21.00
N SER B 215 9.66 66.87 -21.76
CA SER B 215 9.53 66.74 -23.22
C SER B 215 8.75 65.49 -23.69
N ALA B 216 8.92 64.34 -23.02
CA ALA B 216 8.16 63.12 -23.41
C ALA B 216 6.74 63.12 -22.83
N ASN B 217 5.90 63.99 -23.36
CA ASN B 217 4.55 64.20 -22.82
C ASN B 217 3.54 63.26 -23.44
N ASN B 218 3.50 63.24 -24.78
CA ASN B 218 2.54 62.44 -25.55
C ASN B 218 3.24 61.32 -26.31
N HIS B 219 4.20 60.70 -25.62
CA HIS B 219 5.05 59.69 -26.22
C HIS B 219 4.22 58.43 -26.42
N TYR B 220 4.46 57.72 -27.52
CA TYR B 220 3.69 56.53 -27.91
C TYR B 220 4.57 55.29 -28.04
N ALA B 221 4.05 54.16 -27.58
CA ALA B 221 4.57 52.86 -27.96
C ALA B 221 3.53 51.80 -27.71
N ALA B 222 3.72 50.65 -28.34
CA ALA B 222 2.70 49.60 -28.40
C ALA B 222 3.29 48.25 -28.77
N GLN B 223 2.52 47.20 -28.54
CA GLN B 223 3.00 45.83 -28.72
C GLN B 223 1.85 44.90 -29.01
N THR B 224 2.17 43.78 -29.64
CA THR B 224 1.17 42.92 -30.29
C THR B 224 1.27 41.47 -29.82
N LEU B 225 0.11 40.83 -29.70
CA LEU B 225 -0.01 39.45 -29.24
C LEU B 225 -0.76 38.64 -30.28
N SER B 226 -0.19 37.50 -30.65
CA SER B 226 -0.84 36.51 -31.51
C SER B 226 -1.89 35.70 -30.74
N VAL B 227 -2.94 35.27 -31.42
CA VAL B 227 -4.01 34.46 -30.83
C VAL B 227 -4.46 33.41 -31.84
N SER B 228 -3.79 32.28 -31.84
CA SER B 228 -4.07 31.24 -32.83
C SER B 228 -5.39 30.52 -32.53
N CYS B 229 -5.93 29.83 -33.55
CA CYS B 229 -7.28 29.24 -33.50
C CYS B 229 -7.47 28.08 -34.49
N ASP B 230 -8.19 27.06 -34.04
CA ASP B 230 -8.59 25.92 -34.88
C ASP B 230 -10.00 26.09 -35.44
N VAL B 231 -10.90 26.68 -34.66
CA VAL B 231 -12.35 26.68 -34.97
C VAL B 231 -12.94 28.09 -34.90
N PRO B 232 -14.25 28.26 -35.16
CA PRO B 232 -14.88 29.57 -34.91
C PRO B 232 -14.96 30.01 -33.42
N ALA B 233 -14.69 31.29 -33.15
CA ALA B 233 -14.50 31.74 -31.76
C ALA B 233 -14.64 33.26 -31.52
N ASN B 234 -15.28 33.62 -30.41
CA ASN B 234 -15.37 35.02 -29.91
C ASN B 234 -14.58 35.16 -28.62
N ILE B 235 -13.82 36.26 -28.51
CA ILE B 235 -12.92 36.50 -27.40
C ILE B 235 -13.02 37.97 -27.02
N ARG B 236 -13.92 38.27 -26.10
CA ARG B 236 -14.12 39.64 -25.65
C ARG B 236 -12.91 40.10 -24.84
N PHE B 237 -12.15 41.07 -25.36
CA PHE B 237 -10.98 41.62 -24.64
C PHE B 237 -11.31 42.89 -23.89
N MET B 238 -10.78 43.01 -22.67
CA MET B 238 -11.02 44.18 -21.80
C MET B 238 -9.78 44.51 -21.02
N LEU B 239 -9.19 45.69 -21.26
CA LEU B 239 -8.06 46.15 -20.47
C LEU B 239 -8.62 46.51 -19.14
N LEU B 240 -7.91 46.08 -18.10
CA LEU B 240 -8.26 46.36 -16.73
C LEU B 240 -7.15 47.12 -16.05
N ARG B 241 -7.60 47.94 -15.12
CA ARG B 241 -6.77 48.89 -14.43
C ARG B 241 -6.15 48.20 -13.21
N ASN B 242 -4.82 48.29 -13.09
CA ASN B 242 -4.10 47.87 -11.88
C ASN B 242 -3.68 49.10 -11.11
N THR B 243 -2.76 49.86 -11.69
CA THR B 243 -2.23 51.06 -11.06
C THR B 243 -3.14 52.25 -11.39
N THR B 244 -3.69 52.90 -10.36
CA THR B 244 -4.71 53.94 -10.53
C THR B 244 -4.12 55.23 -11.07
N PRO B 245 -4.68 55.77 -12.17
CA PRO B 245 -4.13 56.97 -12.81
C PRO B 245 -4.31 58.22 -11.99
N THR B 246 -3.46 59.19 -12.28
CA THR B 246 -3.40 60.44 -11.55
C THR B 246 -4.44 61.43 -12.04
N TYR B 247 -4.59 61.54 -13.37
CA TYR B 247 -5.52 62.48 -13.99
C TYR B 247 -6.70 61.69 -14.50
N SER B 248 -7.73 62.40 -14.93
CA SER B 248 -8.94 61.77 -15.39
C SER B 248 -9.14 62.04 -16.88
N HIS B 249 -9.43 60.99 -17.64
CA HIS B 249 -9.79 61.05 -19.06
C HIS B 249 -11.17 60.42 -19.14
N GLY B 250 -12.08 61.10 -19.83
CA GLY B 250 -13.51 60.88 -19.67
C GLY B 250 -13.96 59.44 -19.82
N LYS B 251 -14.05 59.00 -21.07
CA LYS B 251 -14.37 57.61 -21.41
C LYS B 251 -13.13 56.84 -21.86
N LYS B 252 -11.99 57.53 -21.97
CA LYS B 252 -10.76 56.89 -22.34
C LYS B 252 -10.32 56.04 -21.15
N PHE B 253 -9.71 54.90 -21.44
CA PHE B 253 -9.12 54.00 -20.43
C PHE B 253 -7.76 54.53 -20.07
N SER B 254 -7.41 54.41 -18.80
CA SER B 254 -6.13 54.92 -18.35
C SER B 254 -5.55 54.11 -17.22
N VAL B 255 -4.24 54.23 -17.08
CA VAL B 255 -3.45 53.53 -16.10
C VAL B 255 -2.40 54.50 -15.59
N GLY B 256 -2.14 54.44 -14.29
CA GLY B 256 -1.07 55.23 -13.67
C GLY B 256 0.28 54.62 -13.97
N LEU B 257 1.18 55.42 -14.53
CA LEU B 257 2.56 55.01 -14.74
C LEU B 257 3.52 55.61 -13.67
N GLY B 258 2.96 56.35 -12.68
CA GLY B 258 3.73 56.91 -11.57
C GLY B 258 4.38 58.27 -11.84
N HIS B 259 4.68 59.02 -10.79
CA HIS B 259 5.28 60.36 -10.92
C HIS B 259 4.38 61.37 -11.65
N GLY B 260 3.06 61.20 -11.51
CA GLY B 260 2.09 62.05 -12.21
C GLY B 260 2.10 61.88 -13.72
N TRP B 261 2.20 60.64 -14.16
CA TRP B 261 2.21 60.31 -15.56
C TRP B 261 1.21 59.19 -15.72
N ASP B 262 0.29 59.32 -16.66
CA ASP B 262 -0.58 58.20 -17.04
C ASP B 262 -0.17 57.60 -18.38
N SER B 263 -0.70 56.42 -18.65
CA SER B 263 -0.68 55.79 -19.97
C SER B 263 -2.11 55.52 -20.38
N ILE B 264 -2.56 56.15 -21.47
CA ILE B 264 -3.87 55.83 -22.01
C ILE B 264 -3.59 54.63 -22.85
N VAL B 265 -4.09 53.50 -22.39
CA VAL B 265 -3.79 52.24 -23.00
C VAL B 265 -4.94 51.97 -23.89
N SER B 266 -4.65 51.38 -25.03
CA SER B 266 -5.66 51.06 -26.03
C SER B 266 -5.40 49.69 -26.60
N VAL B 267 -6.43 49.14 -27.25
CA VAL B 267 -6.36 47.81 -27.85
C VAL B 267 -7.10 47.81 -29.19
N ASN B 268 -6.35 47.63 -30.28
CA ASN B 268 -6.80 47.80 -31.69
C ASN B 268 -7.43 49.16 -31.94
N GLY B 269 -6.77 50.18 -31.40
CA GLY B 269 -7.15 51.57 -31.63
C GLY B 269 -8.30 52.09 -30.80
N VAL B 270 -8.50 51.47 -29.63
CA VAL B 270 -9.63 51.81 -28.80
C VAL B 270 -9.21 52.47 -27.50
N ASP B 271 -9.46 53.77 -27.42
CA ASP B 271 -9.27 54.52 -26.18
C ASP B 271 -10.21 53.99 -25.10
N THR B 272 -11.41 53.54 -25.49
CA THR B 272 -12.39 52.97 -24.55
C THR B 272 -11.88 51.77 -23.73
N GLY B 273 -10.82 51.09 -24.19
CA GLY B 273 -10.23 49.96 -23.48
C GLY B 273 -10.98 48.64 -23.48
N GLU B 274 -11.82 48.43 -24.48
CA GLU B 274 -12.45 47.14 -24.72
C GLU B 274 -12.56 46.94 -26.23
N THR B 275 -12.32 45.72 -26.71
CA THR B 275 -12.54 45.35 -28.12
C THR B 275 -13.20 43.96 -28.22
N THR B 276 -13.22 43.38 -29.42
CA THR B 276 -13.61 41.96 -29.60
C THR B 276 -13.04 41.38 -30.89
N MET B 277 -12.17 40.38 -30.77
CA MET B 277 -11.66 39.70 -31.93
C MET B 277 -12.53 38.49 -32.13
N ARG B 278 -12.86 38.26 -33.40
CA ARG B 278 -13.75 37.17 -33.83
C ARG B 278 -13.13 36.34 -34.93
N TRP B 279 -13.44 35.04 -34.91
CA TRP B 279 -12.91 34.06 -35.83
C TRP B 279 -14.08 33.36 -36.49
N TYR B 280 -14.25 33.61 -37.79
CA TYR B 280 -15.25 32.92 -38.63
C TYR B 280 -14.60 31.64 -39.15
N LYS B 281 -13.42 31.81 -39.77
CA LYS B 281 -12.54 30.71 -40.16
C LYS B 281 -11.29 30.69 -39.29
N ALA B 282 -10.56 29.58 -39.37
CA ALA B 282 -9.37 29.34 -38.54
C ALA B 282 -8.20 30.32 -38.80
N GLY B 283 -7.14 30.17 -38.01
CA GLY B 283 -5.89 30.94 -38.19
C GLY B 283 -5.67 31.94 -37.08
N THR B 284 -4.49 32.55 -37.03
CA THR B 284 -4.14 33.49 -35.96
C THR B 284 -4.65 34.89 -36.27
N GLN B 285 -4.70 35.73 -35.23
CA GLN B 285 -4.99 37.15 -35.39
C GLN B 285 -4.20 37.96 -34.40
N ASN B 286 -3.68 39.10 -34.84
CA ASN B 286 -2.90 39.98 -33.99
C ASN B 286 -3.77 40.94 -33.18
N LEU B 287 -3.30 41.28 -31.97
CA LEU B 287 -3.99 42.18 -31.04
C LEU B 287 -3.04 43.29 -30.51
N THR B 288 -3.29 44.54 -30.93
CA THR B 288 -2.30 45.63 -30.84
C THR B 288 -2.58 46.60 -29.68
N ILE B 289 -1.75 46.52 -28.65
CA ILE B 289 -1.96 47.26 -27.39
C ILE B 289 -1.18 48.55 -27.38
N GLY B 290 -1.86 49.66 -27.63
CA GLY B 290 -1.26 50.98 -27.55
C GLY B 290 -1.05 51.46 -26.13
N SER B 291 0.12 52.04 -25.87
CA SER B 291 0.36 52.84 -24.67
C SER B 291 0.73 54.26 -25.10
N ARG B 292 -0.15 55.20 -24.80
CA ARG B 292 0.08 56.61 -25.05
C ARG B 292 0.27 57.27 -23.71
N LEU B 293 1.41 57.95 -23.53
CA LEU B 293 1.71 58.64 -22.26
C LEU B 293 1.09 60.03 -22.20
N TYR B 294 0.96 60.54 -20.99
CA TYR B 294 0.29 61.80 -20.71
C TYR B 294 0.68 62.29 -19.33
N GLY B 295 1.05 63.55 -19.21
CA GLY B 295 1.34 64.17 -17.93
C GLY B 295 1.05 65.63 -18.05
N GLU B 296 1.17 66.37 -16.94
CA GLU B 296 1.02 67.83 -16.99
C GLU B 296 1.85 68.51 -15.93
N SER B 297 2.57 69.57 -16.34
CA SER B 297 3.64 70.24 -15.55
C SER B 297 3.37 70.44 -14.05
N SER B 298 2.10 70.68 -13.72
CA SER B 298 1.61 70.77 -12.32
C SER B 298 2.03 69.63 -11.42
N LYS B 299 1.99 68.41 -11.94
CA LYS B 299 2.41 67.21 -11.22
C LYS B 299 3.43 66.34 -11.96
N ILE B 300 4.08 66.88 -12.99
CA ILE B 300 5.20 66.19 -13.64
C ILE B 300 6.27 66.04 -12.59
N GLN B 301 6.86 64.85 -12.52
CA GLN B 301 7.92 64.61 -11.56
C GLN B 301 9.03 63.80 -12.22
N PRO B 302 10.30 64.16 -11.94
CA PRO B 302 11.40 63.33 -12.43
C PRO B 302 11.41 61.99 -11.72
N GLY B 303 11.80 60.96 -12.48
CA GLY B 303 11.71 59.57 -12.03
C GLY B 303 11.39 58.61 -13.16
N VAL B 304 11.54 57.33 -12.83
CA VAL B 304 11.35 56.24 -13.79
C VAL B 304 9.88 55.89 -13.71
N LEU B 305 9.21 55.91 -14.86
CA LEU B 305 7.82 55.49 -14.97
C LEU B 305 7.74 53.97 -14.91
N SER B 306 6.67 53.48 -14.32
CA SER B 306 6.19 52.14 -14.63
C SER B 306 4.81 51.95 -14.05
N GLY B 307 3.93 51.34 -14.85
CA GLY B 307 2.60 50.94 -14.39
C GLY B 307 2.32 49.51 -14.78
N SER B 308 1.04 49.14 -14.81
CA SER B 308 0.60 47.89 -15.43
C SER B 308 -0.90 47.85 -15.72
N ALA B 309 -1.27 46.88 -16.55
CA ALA B 309 -2.67 46.57 -16.81
C ALA B 309 -2.91 45.07 -17.00
N THR B 310 -4.18 44.71 -16.98
CA THR B 310 -4.58 43.35 -17.12
C THR B 310 -5.52 43.28 -18.30
N LEU B 311 -5.01 42.81 -19.45
CA LEU B 311 -5.87 42.50 -20.61
C LEU B 311 -6.68 41.22 -20.34
N LEU B 312 -7.93 41.40 -19.90
CA LEU B 312 -8.81 40.28 -19.54
C LEU B 312 -9.54 39.76 -20.76
N MET B 313 -9.51 38.44 -20.96
CA MET B 313 -10.23 37.78 -22.07
C MET B 313 -11.46 37.11 -21.52
N ILE B 314 -12.65 37.60 -21.88
CA ILE B 314 -13.89 37.00 -21.40
C ILE B 314 -14.39 36.01 -22.44
N LEU B 315 -13.86 34.79 -22.36
CA LEU B 315 -14.28 33.71 -23.25
C LEU B 315 -15.68 33.27 -22.86
N PRO B 316 -16.69 33.53 -23.73
CA PRO B 316 -18.06 33.22 -23.37
C PRO B 316 -18.38 31.77 -23.66
N VAL C 1 13.83 37.75 -8.50
CA VAL C 1 12.46 37.24 -8.83
C VAL C 1 11.41 37.80 -7.86
N GLU C 2 11.12 39.07 -8.03
CA GLU C 2 10.05 39.69 -7.31
C GLU C 2 8.90 39.81 -8.29
N PHE C 3 7.80 39.13 -8.02
CA PHE C 3 6.62 39.22 -8.87
C PHE C 3 5.89 40.53 -8.62
N ASN C 4 4.99 40.92 -9.51
CA ASN C 4 4.27 42.19 -9.38
C ASN C 4 2.96 42.07 -8.57
N THR C 5 2.92 42.75 -7.44
CA THR C 5 1.76 42.79 -6.59
C THR C 5 0.67 43.62 -7.26
N ASP C 6 1.05 44.75 -7.85
CA ASP C 6 0.04 45.65 -8.43
C ASP C 6 -0.88 44.85 -9.36
N VAL C 7 -0.28 43.97 -10.15
CA VAL C 7 -0.99 43.13 -11.11
C VAL C 7 -1.66 41.96 -10.40
N LEU C 8 -2.68 42.27 -9.63
CA LEU C 8 -3.29 41.27 -8.77
C LEU C 8 -4.60 41.84 -8.36
N ASP C 9 -5.63 41.00 -8.34
CA ASP C 9 -6.92 41.41 -7.81
C ASP C 9 -6.98 41.11 -6.31
N ALA C 10 -6.82 42.18 -5.55
CA ALA C 10 -6.75 42.18 -4.12
C ALA C 10 -7.44 43.42 -3.61
N ALA C 11 -8.14 43.31 -2.49
CA ALA C 11 -8.82 44.46 -1.92
C ALA C 11 -7.84 45.50 -1.36
N ASP C 12 -6.62 45.08 -1.07
CA ASP C 12 -5.62 45.88 -0.38
C ASP C 12 -4.26 45.62 -1.01
N LYS C 13 -3.40 46.62 -1.02
CA LYS C 13 -1.98 46.42 -1.36
C LYS C 13 -1.10 46.35 -0.07
N LYS C 14 -1.21 45.19 0.59
CA LYS C 14 -0.20 44.61 1.45
C LYS C 14 -0.05 43.12 1.08
N ASN C 15 1.10 42.79 0.48
CA ASN C 15 1.34 41.45 -0.04
C ASN C 15 2.81 41.06 0.16
N ILE C 16 3.42 41.49 1.26
CA ILE C 16 4.91 41.42 1.42
C ILE C 16 5.49 40.01 1.16
N ASP C 17 4.96 39.00 1.85
CA ASP C 17 5.48 37.66 1.69
C ASP C 17 4.96 36.99 0.41
N PHE C 18 3.92 37.55 -0.21
CA PHE C 18 3.50 37.10 -1.54
C PHE C 18 4.65 36.93 -2.55
N THR C 19 5.46 37.96 -2.68
CA THR C 19 6.69 37.87 -3.46
C THR C 19 7.62 36.78 -2.84
N ARG C 20 7.81 36.87 -1.53
CA ARG C 20 8.84 36.13 -0.82
C ARG C 20 8.55 34.65 -0.83
N PHE C 21 7.35 34.29 -0.45
CA PHE C 21 6.93 32.89 -0.30
C PHE C 21 6.98 32.18 -1.65
N SER C 22 6.61 32.90 -2.72
CA SER C 22 6.59 32.38 -4.09
C SER C 22 7.93 32.66 -4.82
N GLU C 23 8.89 31.74 -4.61
CA GLU C 23 10.23 31.73 -5.23
C GLU C 23 10.70 30.27 -5.27
N ALA C 24 11.73 29.98 -6.05
CA ALA C 24 11.95 28.59 -6.49
C ALA C 24 12.32 27.70 -5.35
N GLY C 25 11.67 26.54 -5.25
CA GLY C 25 11.96 25.54 -4.20
C GLY C 25 12.12 26.09 -2.80
N TYR C 26 11.12 26.87 -2.38
CA TYR C 26 11.19 27.64 -1.13
C TYR C 26 11.11 26.82 0.14
N VAL C 27 12.07 27.06 1.03
CA VAL C 27 12.10 26.50 2.37
C VAL C 27 12.68 27.55 3.30
N LEU C 28 11.96 27.87 4.38
CA LEU C 28 12.47 28.75 5.43
C LEU C 28 13.00 27.82 6.53
N PRO C 29 14.27 28.02 6.98
CA PRO C 29 14.94 27.04 7.84
C PRO C 29 14.14 26.78 9.10
N GLY C 30 13.87 25.50 9.37
CA GLY C 30 12.91 25.07 10.37
C GLY C 30 12.48 23.65 10.03
N UNK C 31 11.52 23.11 10.77
CA UNK C 31 11.00 21.77 10.50
C UNK C 31 10.07 21.77 9.30
N UNK C 32 10.01 20.64 8.61
CA UNK C 32 8.96 20.37 7.62
C UNK C 32 8.60 18.87 7.70
N UNK C 33 7.36 18.53 7.33
CA UNK C 33 6.90 17.13 7.19
C UNK C 33 6.54 16.95 5.72
N UNK C 34 7.22 16.00 5.06
CA UNK C 34 7.08 15.74 3.62
C UNK C 34 7.50 14.27 3.33
N UNK C 35 6.69 13.52 2.57
CA UNK C 35 7.08 12.15 2.19
C UNK C 35 8.28 12.28 1.26
N UNK C 36 9.43 11.72 1.66
CA UNK C 36 10.64 11.83 0.83
C UNK C 36 10.51 10.81 -0.29
N UNK C 37 10.45 11.26 -1.54
CA UNK C 37 10.33 10.36 -2.68
C UNK C 37 11.68 10.31 -3.39
N UNK C 38 12.29 9.12 -3.47
CA UNK C 38 13.59 8.91 -4.10
C UNK C 38 13.42 8.11 -5.39
N UNK C 39 13.93 8.64 -6.51
CA UNK C 39 13.76 8.01 -7.83
C UNK C 39 12.30 7.59 -8.01
N UNK C 40 11.42 8.53 -7.70
CA UNK C 40 9.99 8.31 -7.75
C UNK C 40 9.49 7.37 -6.67
N UNK C 41 10.34 6.99 -5.72
CA UNK C 41 9.99 5.98 -4.74
C UNK C 41 9.82 6.65 -3.40
N UNK C 42 8.68 6.40 -2.76
CA UNK C 42 8.39 7.00 -1.46
C UNK C 42 9.35 6.47 -0.38
N UNK C 43 9.92 7.37 0.41
CA UNK C 43 10.63 6.99 1.61
C UNK C 43 9.56 6.35 2.50
N UNK C 44 9.98 5.61 3.50
CA UNK C 44 9.07 4.73 4.23
C UNK C 44 7.83 5.40 4.82
N UNK C 45 6.69 4.75 4.62
CA UNK C 45 5.47 4.95 5.41
C UNK C 45 4.90 6.38 5.34
N UNK C 46 4.54 6.99 6.49
CA UNK C 46 4.03 8.36 6.54
C UNK C 46 5.14 9.41 6.35
N UNK C 47 4.71 10.60 5.94
CA UNK C 47 5.62 11.71 5.61
C UNK C 47 6.55 12.13 6.78
N UNK C 48 7.84 11.79 6.65
CA UNK C 48 8.83 11.92 7.74
C UNK C 48 9.28 13.38 7.94
N UNK C 49 9.53 13.76 9.20
CA UNK C 49 9.89 15.13 9.57
C UNK C 49 11.33 15.37 9.17
N UNK C 50 11.56 16.41 8.36
CA UNK C 50 12.90 16.73 7.84
C UNK C 50 13.23 18.17 8.18
N UNK C 51 14.34 18.39 8.90
CA UNK C 51 14.78 19.74 9.25
C UNK C 51 15.47 20.38 8.06
N UNK C 52 15.43 21.70 8.00
CA UNK C 52 16.17 22.46 7.03
C UNK C 52 17.13 23.35 7.78
N UNK C 53 18.42 23.22 7.48
CA UNK C 53 19.50 23.88 8.24
C UNK C 53 20.58 24.43 7.29
N UNK C 54 20.79 25.75 7.30
CA UNK C 54 21.56 26.46 6.26
C UNK C 54 23.07 26.16 6.24
N UNK C 55 18.33 27.68 4.10
CA UNK C 55 17.88 27.12 2.83
C UNK C 55 17.84 25.58 2.88
N UNK C 56 19.01 24.94 2.76
CA UNK C 56 19.08 23.50 2.41
C UNK C 56 18.66 22.54 3.52
N UNK C 57 17.96 21.47 3.14
CA UNK C 57 17.36 20.50 4.08
C UNK C 57 18.27 19.29 4.39
N UNK C 58 18.14 18.76 5.61
CA UNK C 58 19.05 17.73 6.16
C UNK C 58 18.44 16.34 6.17
N UNK C 59 18.78 15.55 5.14
CA UNK C 59 18.47 14.11 5.10
C UNK C 59 19.55 13.36 5.89
N UNK C 60 19.22 12.95 7.12
CA UNK C 60 20.20 12.39 8.05
C UNK C 60 20.72 11.03 7.60
N UNK C 61 21.79 10.57 8.23
CA UNK C 61 22.37 9.26 7.90
C UNK C 61 21.34 8.16 8.11
N UNK C 62 20.68 8.20 9.28
CA UNK C 62 19.60 7.24 9.57
C UNK C 62 18.42 7.41 8.60
N UNK C 63 18.08 8.65 8.23
CA UNK C 63 17.08 8.91 7.17
C UNK C 63 17.55 8.28 5.87
N UNK C 64 18.79 8.58 5.49
CA UNK C 64 19.41 8.08 4.27
C UNK C 64 19.47 6.56 4.24
N UNK C 65 19.78 5.96 5.39
CA UNK C 65 19.92 4.50 5.51
C UNK C 65 18.79 3.79 4.78
N UNK C 66 17.56 4.10 5.19
CA UNK C 66 16.38 3.60 4.51
C UNK C 66 16.12 4.47 3.30
N UNK C 67 16.96 4.33 2.28
CA UNK C 67 16.67 4.90 0.95
C UNK C 67 16.94 3.94 -0.20
N UNK C 68 17.17 2.65 0.11
CA UNK C 68 17.43 1.63 -0.91
C UNK C 68 18.52 1.97 -1.93
N UNK C 69 19.61 2.61 -1.48
CA UNK C 69 20.79 2.85 -2.33
C UNK C 69 21.67 1.60 -2.35
N UNK C 70 22.54 1.49 -3.36
CA UNK C 70 23.47 0.36 -3.45
C UNK C 70 24.43 0.37 -2.28
N UNK C 71 24.82 -0.82 -1.82
CA UNK C 71 25.82 -0.95 -0.76
C UNK C 71 27.16 -0.47 -1.26
N UNK C 72 27.47 -0.78 -2.52
CA UNK C 72 28.59 -0.21 -3.25
C UNK C 72 28.58 1.31 -3.13
N UNK C 73 27.44 1.90 -3.45
CA UNK C 73 27.23 3.35 -3.32
C UNK C 73 27.32 3.80 -1.85
N UNK C 74 26.50 3.19 -1.00
CA UNK C 74 26.25 3.62 0.38
C UNK C 74 27.48 4.10 1.17
N UNK C 75 28.48 3.23 1.22
CA UNK C 75 29.68 3.47 2.04
C UNK C 75 30.43 4.73 1.61
N UNK C 76 30.80 4.79 0.33
CA UNK C 76 31.42 5.97 -0.26
C UNK C 76 30.43 7.14 -0.34
N UNK C 77 29.16 6.83 -0.57
CA UNK C 77 28.10 7.84 -0.71
C UNK C 77 27.93 8.68 0.56
N UNK C 78 27.82 8.00 1.70
CA UNK C 78 27.57 8.65 2.98
C UNK C 78 28.59 9.76 3.28
N UNK C 79 28.10 11.00 3.39
CA UNK C 79 28.90 12.12 3.89
C UNK C 79 28.16 13.01 4.91
N UNK C 80 27.08 12.48 5.49
CA UNK C 80 26.28 13.20 6.48
C UNK C 80 27.11 13.33 7.75
N UNK C 81 27.39 14.56 8.19
CA UNK C 81 28.26 14.80 9.35
C UNK C 81 27.74 15.87 10.31
N UNK C 82 28.00 15.66 11.61
CA UNK C 82 27.80 16.68 12.63
C UNK C 82 28.73 17.85 12.35
N UNK C 83 28.19 19.06 12.46
CA UNK C 83 28.81 20.28 11.94
C UNK C 83 28.91 20.32 10.40
N UNK C 84 28.22 19.40 9.71
CA UNK C 84 28.08 19.41 8.25
C UNK C 84 26.61 19.35 7.83
N UNK C 85 25.68 19.57 8.78
CA UNK C 85 24.22 19.49 8.54
C UNK C 85 23.65 18.09 8.21
N UNK C 86 24.44 17.03 8.45
CA UNK C 86 24.08 15.68 8.00
C UNK C 86 23.66 15.64 6.51
N UNK C 87 24.31 16.47 5.70
CA UNK C 87 23.98 16.58 4.27
C UNK C 87 24.47 15.30 3.60
N UNK C 88 23.63 14.73 2.73
CA UNK C 88 23.99 13.50 2.01
C UNK C 88 25.27 13.66 1.20
N UNK C 89 25.29 14.66 0.32
CA UNK C 89 26.46 14.98 -0.46
C UNK C 89 26.33 16.40 -0.96
N UNK C 90 27.34 17.23 -0.68
CA UNK C 90 27.37 18.62 -1.13
C UNK C 90 27.23 18.75 -2.65
N UNK C 91 27.93 17.87 -3.38
CA UNK C 91 27.86 17.81 -4.85
C UNK C 91 27.89 16.36 -5.38
N UNK C 92 27.16 16.15 -6.48
CA UNK C 92 27.06 14.86 -7.20
C UNK C 92 26.21 15.07 -8.47
N UNK C 93 26.04 14.01 -9.27
CA UNK C 93 25.16 14.09 -10.44
C UNK C 93 23.67 14.33 -10.08
N UNK C 94 23.19 13.72 -8.98
CA UNK C 94 21.75 13.77 -8.59
C UNK C 94 21.35 15.05 -7.85
N UNK C 95 20.09 15.47 -8.04
CA UNK C 95 19.53 16.68 -7.41
C UNK C 95 18.22 16.35 -6.66
N UNK C 96 18.09 16.86 -5.44
CA UNK C 96 16.96 16.54 -4.56
C UNK C 96 16.30 17.79 -4.00
N UNK C 97 15.44 18.43 -4.82
CA UNK C 97 14.74 19.69 -4.46
C UNK C 97 13.51 19.46 -3.57
N UNK C 98 13.17 20.49 -2.80
CA UNK C 98 12.02 20.46 -1.92
C UNK C 98 10.81 21.05 -2.61
N UNK C 99 9.63 20.49 -2.35
CA UNK C 99 8.34 21.16 -2.58
C UNK C 99 7.49 21.08 -1.31
N UNK C 100 7.65 22.10 -0.46
CA UNK C 100 6.83 22.32 0.76
C UNK C 100 5.34 22.40 0.44
N UNK C 101 5.05 23.03 -0.70
CA UNK C 101 3.70 23.15 -1.26
C UNK C 101 2.94 21.81 -1.28
N UNK C 102 3.49 20.86 -2.03
CA UNK C 102 2.87 19.56 -2.23
C UNK C 102 3.44 18.48 -1.31
N UNK C 103 4.37 18.87 -0.43
CA UNK C 103 4.86 18.02 0.68
C UNK C 103 5.64 16.78 0.22
N UNK C 104 6.56 17.01 -0.72
CA UNK C 104 7.47 15.97 -1.15
C UNK C 104 8.89 16.52 -1.23
N UNK C 105 9.82 15.85 -0.55
CA UNK C 105 11.24 16.07 -0.81
C UNK C 105 11.54 15.25 -2.05
N UNK C 106 11.44 15.89 -3.21
CA UNK C 106 11.57 15.19 -4.48
C UNK C 106 13.03 14.85 -4.80
N UNK C 107 13.49 13.70 -4.31
CA UNK C 107 14.85 13.16 -4.58
C UNK C 107 14.83 12.30 -5.85
N UNK C 108 15.83 12.47 -6.72
CA UNK C 108 15.87 11.75 -7.99
C UNK C 108 17.31 11.34 -8.35
N UNK C 109 17.71 10.18 -7.83
CA UNK C 109 18.96 9.50 -8.23
C UNK C 109 18.67 8.65 -9.45
N UNK C 110 19.72 8.19 -10.14
CA UNK C 110 19.56 7.21 -11.23
C UNK C 110 19.16 5.86 -10.63
N UNK C 111 18.38 5.08 -11.37
CA UNK C 111 17.91 3.78 -10.89
C UNK C 111 19.01 2.70 -10.90
N UNK C 112 20.14 2.99 -11.55
CA UNK C 112 21.31 2.11 -11.49
C UNK C 112 21.93 2.09 -10.09
N UNK C 113 22.21 3.27 -9.54
CA UNK C 113 22.81 3.38 -8.20
C UNK C 113 21.86 2.95 -7.06
N UNK C 114 20.55 3.04 -7.31
CA UNK C 114 19.54 2.56 -6.36
C UNK C 114 19.48 1.03 -6.40
N UNK C 115 19.24 0.42 -5.24
CA UNK C 115 19.31 -1.04 -5.07
C UNK C 115 18.23 -1.55 -4.15
N UNK C 116 17.34 -2.40 -4.68
CA UNK C 116 16.24 -2.98 -3.90
C UNK C 116 16.20 -4.50 -3.99
N UNK C 117 17.38 -5.10 -4.16
CA UNK C 117 17.52 -6.55 -4.33
C UNK C 117 18.03 -7.28 -3.07
N UNK C 118 18.37 -6.53 -2.02
CA UNK C 118 18.94 -7.13 -0.79
C UNK C 118 17.85 -7.74 0.08
N UNK C 119 18.19 -8.86 0.72
CA UNK C 119 17.29 -9.50 1.70
C UNK C 119 17.52 -8.90 3.10
N UNK C 120 16.72 -9.34 4.07
CA UNK C 120 16.72 -8.75 5.42
C UNK C 120 17.93 -9.10 6.29
N UNK C 121 18.26 -8.19 7.21
CA UNK C 121 19.20 -8.42 8.31
C UNK C 121 18.69 -7.68 9.54
N LEU C 122 18.95 -8.20 10.75
CA LEU C 122 18.28 -7.72 11.98
C LEU C 122 18.69 -6.30 12.45
N PRO C 123 17.71 -5.46 12.87
CA PRO C 123 17.99 -4.15 13.48
C PRO C 123 17.84 -4.17 15.01
N PRO C 124 18.87 -3.74 15.75
CA PRO C 124 18.80 -3.85 17.21
C PRO C 124 17.86 -2.85 17.90
N SER C 125 17.87 -1.59 17.46
CA SER C 125 17.46 -0.44 18.31
C SER C 125 15.96 -0.21 18.55
N ARG C 126 15.67 0.55 19.62
CA ARG C 126 14.35 1.15 19.90
C ARG C 126 13.20 0.16 20.08
N TRP C 127 13.24 -0.60 21.17
CA TRP C 127 12.21 -1.62 21.43
C TRP C 127 10.86 -1.03 21.81
N ASP C 128 9.82 -1.38 21.06
CA ASP C 128 8.43 -1.04 21.40
C ASP C 128 7.77 -2.22 22.10
N ASP C 129 7.28 -1.97 23.32
CA ASP C 129 6.64 -3.01 24.14
C ASP C 129 5.28 -3.40 23.59
N GLY C 130 4.48 -2.41 23.26
CA GLY C 130 3.20 -2.63 22.58
C GLY C 130 2.02 -2.06 23.33
N ILE C 131 0.84 -2.62 23.03
CA ILE C 131 -0.44 -2.09 23.49
C ILE C 131 -1.00 -3.03 24.55
N PRO C 132 -1.70 -2.47 25.55
CA PRO C 132 -2.51 -3.32 26.41
C PRO C 132 -3.82 -3.72 25.72
N GLY C 133 -3.97 -5.01 25.48
CA GLY C 133 -5.23 -5.60 24.98
C GLY C 133 -5.32 -7.07 25.41
N LEU C 134 -6.54 -7.61 25.43
CA LEU C 134 -6.74 -9.01 25.79
C LEU C 134 -7.44 -9.73 24.64
N MET C 135 -6.77 -10.73 24.06
CA MET C 135 -7.37 -11.61 23.05
C MET C 135 -6.87 -13.03 23.32
N LEU C 136 -7.67 -14.02 22.90
CA LEU C 136 -7.48 -15.44 23.22
C LEU C 136 -7.57 -16.34 22.00
N ASP C 137 -7.22 -17.62 22.18
CA ASP C 137 -7.14 -18.60 21.08
C ASP C 137 -7.77 -19.91 21.51
N TYR C 138 -8.31 -20.65 20.54
CA TYR C 138 -8.96 -21.95 20.78
C TYR C 138 -8.67 -22.94 19.65
N ASN C 139 -8.59 -24.22 20.01
CA ASN C 139 -8.55 -25.32 19.07
C ASN C 139 -9.67 -26.27 19.46
N LEU C 140 -10.48 -26.69 18.49
CA LEU C 140 -11.68 -27.48 18.75
C LEU C 140 -11.79 -28.65 17.79
N ASN C 141 -11.58 -29.87 18.30
CA ASN C 141 -11.79 -31.09 17.53
C ASN C 141 -13.01 -31.85 18.05
N GLY C 142 -13.53 -32.74 17.21
CA GLY C 142 -14.69 -33.53 17.59
C GLY C 142 -15.15 -34.46 16.47
N THR C 143 -15.44 -35.71 16.82
CA THR C 143 -15.82 -36.73 15.83
C THR C 143 -16.59 -37.93 16.44
N VAL C 144 -17.45 -38.54 15.62
CA VAL C 144 -18.35 -39.63 16.06
C VAL C 144 -18.22 -40.85 15.15
N SER C 145 -18.35 -42.03 15.76
CA SER C 145 -18.07 -43.32 15.10
C SER C 145 -19.26 -44.28 15.13
N ARG C 146 -19.14 -45.36 14.34
CA ARG C 146 -20.16 -46.40 14.23
C ARG C 146 -19.57 -47.75 13.74
N ASN C 147 -19.37 -48.67 14.68
CA ASN C 147 -18.48 -49.85 14.54
C ASN C 147 -19.03 -51.06 13.75
N TYR C 148 -18.13 -51.94 13.30
CA TYR C 148 -18.48 -53.27 12.76
C TYR C 148 -18.98 -54.21 13.84
N GLN C 149 -18.09 -54.59 14.76
CA GLN C 149 -18.39 -55.60 15.78
C GLN C 149 -18.97 -54.94 17.03
N GLY C 150 -20.16 -54.35 16.88
CA GLY C 150 -20.85 -53.62 17.95
C GLY C 150 -21.25 -52.21 17.51
N GLY C 151 -20.84 -51.22 18.29
CA GLY C 151 -21.13 -49.81 17.99
C GLY C 151 -19.98 -48.93 18.42
N ASP C 152 -20.14 -47.62 18.19
CA ASP C 152 -19.15 -46.62 18.59
C ASP C 152 -19.83 -45.28 18.86
N SER C 153 -19.08 -44.34 19.46
CA SER C 153 -19.66 -43.13 20.06
C SER C 153 -18.84 -41.85 19.79
N HIS C 154 -19.38 -40.72 20.26
CA HIS C 154 -18.81 -39.38 20.04
C HIS C 154 -17.59 -39.02 20.89
N GLN C 155 -16.93 -37.93 20.49
CA GLN C 155 -15.73 -37.40 21.16
C GLN C 155 -15.60 -35.89 20.95
N PHE C 156 -15.03 -35.18 21.93
CA PHE C 156 -14.85 -33.72 21.84
C PHE C 156 -13.57 -33.28 22.57
N SER C 157 -12.70 -32.57 21.86
CA SER C 157 -11.42 -32.10 22.42
C SER C 157 -11.21 -30.61 22.18
N TYR C 158 -10.70 -29.92 23.20
CA TYR C 158 -10.37 -28.50 23.10
C TYR C 158 -9.15 -28.12 23.93
N ASN C 159 -8.56 -26.97 23.58
CA ASN C 159 -7.38 -26.46 24.27
C ASN C 159 -7.12 -24.99 23.95
N GLY C 160 -7.56 -24.11 24.85
CA GLY C 160 -7.42 -22.67 24.68
C GLY C 160 -6.13 -22.08 25.24
N THR C 161 -6.08 -20.74 25.23
CA THR C 161 -5.04 -19.95 25.90
C THR C 161 -5.49 -18.47 25.96
N VAL C 162 -5.29 -17.81 27.12
CA VAL C 162 -5.97 -16.54 27.45
C VAL C 162 -5.34 -15.29 26.83
N GLY C 163 -4.02 -15.18 26.95
CA GLY C 163 -3.26 -14.13 26.26
C GLY C 163 -3.50 -12.69 26.69
N GLY C 164 -3.46 -12.45 28.00
CA GLY C 164 -3.51 -11.08 28.52
C GLY C 164 -2.19 -10.35 28.30
N ASN C 165 -2.23 -9.02 28.27
CA ASN C 165 -0.99 -8.22 28.25
C ASN C 165 -1.19 -6.75 28.64
N LEU C 166 -0.14 -6.19 29.23
CA LEU C 166 -0.02 -4.76 29.51
C LEU C 166 1.46 -4.43 29.41
N GLY C 167 1.79 -3.34 28.70
CA GLY C 167 3.20 -3.01 28.41
C GLY C 167 4.03 -2.84 29.69
N PRO C 168 5.21 -3.48 29.81
CA PRO C 168 5.78 -4.40 28.84
C PRO C 168 5.41 -5.86 29.12
N TRP C 169 4.68 -6.13 30.19
CA TRP C 169 4.34 -7.50 30.56
C TRP C 169 3.41 -8.15 29.53
N ARG C 170 3.75 -9.36 29.11
CA ARG C 170 2.88 -10.18 28.26
C ARG C 170 2.53 -11.45 29.04
N LEU C 171 1.25 -11.56 29.43
CA LEU C 171 0.74 -12.77 30.10
C LEU C 171 0.20 -13.76 29.07
N ARG C 172 0.23 -15.03 29.43
CA ARG C 172 -0.47 -16.07 28.68
C ARG C 172 -0.77 -17.22 29.65
N ALA C 173 -1.92 -17.87 29.45
CA ALA C 173 -2.41 -18.92 30.36
C ALA C 173 -3.11 -20.03 29.58
N ASP C 174 -2.45 -21.20 29.46
CA ASP C 174 -2.91 -22.30 28.60
C ASP C 174 -4.15 -23.02 29.12
N TYR C 175 -4.83 -23.74 28.23
CA TYR C 175 -6.07 -24.46 28.57
C TYR C 175 -6.13 -25.82 27.88
N GLN C 176 -6.78 -26.77 28.54
CA GLN C 176 -6.94 -28.16 28.06
C GLN C 176 -8.27 -28.72 28.54
N GLY C 177 -8.75 -29.74 27.84
CA GLY C 177 -10.00 -30.40 28.21
C GLY C 177 -10.50 -31.33 27.13
N SER C 178 -11.33 -32.29 27.54
CA SER C 178 -11.84 -33.31 26.61
C SER C 178 -13.06 -34.06 27.16
N GLN C 179 -13.85 -34.60 26.22
CA GLN C 179 -15.05 -35.41 26.52
C GLN C 179 -15.07 -36.61 25.57
N GLU C 180 -15.07 -37.81 26.12
CA GLU C 180 -15.08 -39.06 25.34
C GLU C 180 -15.95 -40.13 25.99
N GLN C 181 -16.65 -40.90 25.16
CA GLN C 181 -17.41 -42.08 25.61
C GLN C 181 -17.36 -43.20 24.56
N SER C 182 -17.59 -44.43 25.00
CA SER C 182 -17.44 -45.62 24.13
C SER C 182 -18.51 -46.66 24.47
N ARG C 183 -19.64 -46.58 23.78
CA ARG C 183 -20.74 -47.51 23.98
C ARG C 183 -20.53 -48.83 23.22
N TYR C 184 -20.26 -49.92 23.95
CA TYR C 184 -20.42 -51.27 23.43
C TYR C 184 -21.87 -51.69 23.67
N ASN C 185 -22.25 -52.91 23.27
CA ASN C 185 -23.64 -53.36 23.37
C ASN C 185 -24.15 -53.45 24.83
N GLY C 186 -24.73 -52.36 25.30
CA GLY C 186 -25.16 -52.21 26.69
C GLY C 186 -23.98 -51.94 27.61
N GLU C 187 -23.02 -51.14 27.14
CA GLU C 187 -21.78 -50.88 27.86
C GLU C 187 -21.26 -49.46 27.58
N LYS C 188 -21.73 -48.49 28.37
CA LYS C 188 -21.41 -47.06 28.15
C LYS C 188 -20.35 -46.55 29.11
N THR C 189 -19.10 -46.45 28.63
CA THR C 189 -17.95 -46.01 29.42
C THR C 189 -17.58 -44.58 29.02
N THR C 190 -16.80 -43.90 29.86
CA THR C 190 -16.49 -42.46 29.71
C THR C 190 -15.08 -42.07 30.19
N ASN C 191 -14.60 -40.91 29.74
CA ASN C 191 -13.49 -40.21 30.37
C ASN C 191 -13.77 -38.70 30.40
N ARG C 192 -13.29 -38.00 31.42
CA ARG C 192 -13.63 -36.57 31.59
C ARG C 192 -12.60 -35.74 32.38
N ASN C 193 -12.29 -34.55 31.86
CA ASN C 193 -11.43 -33.53 32.54
C ASN C 193 -11.47 -32.15 31.86
N PHE C 194 -11.22 -31.09 32.64
CA PHE C 194 -10.98 -29.74 32.09
C PHE C 194 -10.17 -28.89 33.05
N THR C 195 -9.22 -28.13 32.51
CA THR C 195 -8.23 -27.43 33.34
C THR C 195 -7.53 -26.27 32.61
N TRP C 196 -7.05 -25.31 33.40
CA TRP C 196 -6.09 -24.32 32.93
C TRP C 196 -4.70 -24.95 33.14
N SER C 197 -4.08 -25.41 32.05
CA SER C 197 -2.83 -26.20 32.10
C SER C 197 -1.64 -25.46 32.70
N ARG C 198 -1.51 -24.18 32.32
CA ARG C 198 -0.33 -23.38 32.63
C ARG C 198 -0.74 -21.95 32.99
N PHE C 199 0.17 -21.21 33.62
CA PHE C 199 -0.09 -19.83 34.01
C PHE C 199 1.26 -19.14 34.27
N TYR C 200 1.65 -18.23 33.37
CA TYR C 200 2.97 -17.60 33.43
C TYR C 200 2.98 -16.19 32.88
N LEU C 201 3.87 -15.37 33.44
CA LEU C 201 4.20 -14.04 32.93
C LEU C 201 5.57 -14.09 32.30
N PHE C 202 5.84 -13.09 31.46
CA PHE C 202 7.19 -12.80 31.00
C PHE C 202 7.32 -11.36 30.52
N ARG C 203 8.54 -10.85 30.55
CA ARG C 203 8.85 -9.49 30.10
C ARG C 203 10.34 -9.40 29.78
N ALA C 204 10.68 -8.67 28.72
CA ALA C 204 12.06 -8.51 28.32
C ALA C 204 12.78 -7.49 29.21
N ILE C 205 14.10 -7.40 29.04
CA ILE C 205 14.94 -6.33 29.62
C ILE C 205 15.83 -5.69 28.54
N PRO C 206 15.96 -4.34 28.55
CA PRO C 206 16.59 -3.67 27.41
C PRO C 206 18.11 -3.82 27.33
N ARG C 207 18.80 -3.69 28.46
CA ARG C 207 20.26 -3.68 28.48
C ARG C 207 20.84 -5.04 28.11
N TRP C 208 20.47 -6.07 28.88
CA TRP C 208 21.03 -7.43 28.72
C TRP C 208 20.42 -8.26 27.58
N ARG C 209 19.32 -7.79 26.97
CA ARG C 209 18.67 -8.46 25.84
C ARG C 209 18.25 -9.89 26.19
N ALA C 210 17.44 -10.00 27.24
CA ALA C 210 17.01 -11.27 27.81
C ALA C 210 15.58 -11.16 28.34
N ASN C 211 14.98 -12.31 28.65
CA ASN C 211 13.60 -12.38 29.12
C ASN C 211 13.46 -13.23 30.38
N LEU C 212 12.81 -12.67 31.40
CA LEU C 212 12.51 -13.39 32.63
C LEU C 212 11.09 -13.95 32.56
N THR C 213 10.99 -15.20 32.11
CA THR C 213 9.74 -15.96 32.18
C THR C 213 9.54 -16.46 33.61
N LEU C 214 8.39 -16.16 34.21
CA LEU C 214 8.11 -16.55 35.59
C LEU C 214 6.66 -16.97 35.76
N GLY C 215 6.45 -17.87 36.72
CA GLY C 215 5.19 -18.56 36.92
C GLY C 215 5.34 -20.03 36.56
N GLU C 216 4.22 -20.71 36.38
CA GLU C 216 4.21 -22.13 36.03
C GLU C 216 4.67 -22.29 34.59
N ASN C 217 5.83 -22.90 34.38
CA ASN C 217 6.36 -23.15 33.03
C ASN C 217 7.19 -24.43 33.00
N ASN C 218 7.83 -24.73 31.88
CA ASN C 218 8.70 -25.89 31.73
C ASN C 218 10.10 -25.41 31.31
N ILE C 219 11.16 -26.02 31.87
CA ILE C 219 12.54 -25.61 31.56
C ILE C 219 13.01 -26.20 30.22
N ASN C 220 13.63 -25.37 29.39
CA ASN C 220 13.99 -25.74 28.02
C ASN C 220 15.51 -25.71 27.86
N SER C 221 16.19 -26.34 28.80
CA SER C 221 17.65 -26.37 28.82
C SER C 221 18.20 -27.23 27.69
N ASP C 222 19.51 -27.16 27.51
CA ASP C 222 20.21 -27.84 26.40
C ASP C 222 20.98 -29.07 26.87
N ILE C 223 21.77 -28.92 27.93
CA ILE C 223 22.49 -30.03 28.54
C ILE C 223 21.53 -30.98 29.25
N PHE C 224 20.80 -30.46 30.24
CA PHE C 224 19.92 -31.25 31.09
C PHE C 224 18.50 -31.39 30.51
N ARG C 225 17.81 -32.47 30.90
CA ARG C 225 16.43 -32.78 30.43
C ARG C 225 15.38 -32.01 31.22
N SER C 226 14.21 -31.83 30.59
CA SER C 226 13.17 -30.92 31.09
C SER C 226 12.28 -31.51 32.17
N TRP C 227 11.58 -30.60 32.85
CA TRP C 227 10.51 -30.94 33.79
C TRP C 227 9.68 -29.68 34.04
N SER C 228 8.39 -29.88 34.31
CA SER C 228 7.46 -28.78 34.62
C SER C 228 7.71 -28.28 36.04
N TYR C 229 7.71 -26.96 36.20
CA TYR C 229 8.06 -26.31 37.46
C TYR C 229 7.23 -25.05 37.65
N THR C 230 7.51 -24.30 38.70
CA THR C 230 6.84 -23.03 38.98
C THR C 230 7.81 -22.04 39.62
N GLY C 231 8.16 -20.99 38.88
CA GLY C 231 9.05 -19.93 39.37
C GLY C 231 9.76 -19.20 38.24
N ALA C 232 10.67 -18.30 38.62
CA ALA C 232 11.35 -17.41 37.66
C ALA C 232 12.45 -18.11 36.85
N SER C 233 12.75 -17.53 35.68
CA SER C 233 13.80 -18.04 34.80
C SER C 233 14.23 -17.02 33.74
N LEU C 234 15.38 -16.38 33.99
CA LEU C 234 16.00 -15.48 33.00
C LEU C 234 16.55 -16.29 31.83
N GLU C 235 16.33 -15.81 30.60
CA GLU C 235 16.79 -16.49 29.39
C GLU C 235 17.26 -15.50 28.33
N SER C 236 18.34 -15.83 27.63
CA SER C 236 18.94 -14.95 26.62
C SER C 236 18.13 -14.93 25.32
N MET C 240 19.73 -12.41 17.78
CA MET C 240 20.97 -11.81 17.32
C MET C 240 22.04 -12.85 16.94
N LEU C 241 22.01 -14.02 17.58
CA LEU C 241 22.93 -15.11 17.25
C LEU C 241 22.48 -15.82 15.96
N PRO C 242 23.42 -16.52 15.28
CA PRO C 242 23.08 -17.11 13.98
C PRO C 242 21.95 -18.14 14.05
N PRO C 243 21.00 -18.10 13.08
CA PRO C 243 19.89 -19.08 13.11
C PRO C 243 20.38 -20.53 12.93
N ARG C 244 21.39 -20.73 12.08
CA ARG C 244 22.05 -22.03 11.95
C ARG C 244 22.42 -22.55 13.33
N LEU C 245 23.09 -21.72 14.10
CA LEU C 245 23.43 -21.99 15.50
C LEU C 245 22.20 -22.21 16.39
N ARG C 246 21.14 -21.42 16.17
CA ARG C 246 19.90 -21.52 16.95
C ARG C 246 19.17 -22.84 16.73
N GLY C 247 18.42 -23.24 17.75
CA GLY C 247 17.69 -24.51 17.77
C GLY C 247 16.60 -24.65 16.71
N TYR C 248 16.54 -25.85 16.12
CA TYR C 248 15.53 -26.18 15.13
C TYR C 248 14.19 -26.51 15.78
N ALA C 249 13.12 -26.37 15.00
CA ALA C 249 11.77 -26.76 15.41
C ALA C 249 11.49 -28.17 14.91
N PRO C 250 10.67 -28.93 15.65
CA PRO C 250 10.35 -30.30 15.25
C PRO C 250 9.32 -30.40 14.10
N GLN C 251 9.12 -31.62 13.59
CA GLN C 251 8.12 -31.89 12.54
C GLN C 251 7.64 -33.35 12.60
N ILE C 252 6.63 -33.60 13.43
CA ILE C 252 6.09 -34.94 13.66
C ILE C 252 5.37 -35.46 12.42
N THR C 253 5.99 -36.43 11.74
CA THR C 253 5.42 -37.09 10.56
C THR C 253 5.09 -38.56 10.84
N GLY C 254 4.41 -39.21 9.89
CA GLY C 254 4.00 -40.61 10.04
C GLY C 254 2.92 -41.00 9.05
N ILE C 255 2.36 -42.20 9.22
CA ILE C 255 1.28 -42.71 8.37
C ILE C 255 0.06 -43.12 9.21
N ALA C 256 -1.11 -42.70 8.73
CA ALA C 256 -2.38 -43.09 9.28
C ALA C 256 -3.13 -43.85 8.19
N GLU C 257 -3.76 -44.96 8.58
CA GLU C 257 -4.56 -45.80 7.67
C GLU C 257 -5.91 -45.18 7.27
N THR C 258 -6.37 -44.21 8.07
CA THR C 258 -7.61 -43.48 7.81
C THR C 258 -7.37 -42.02 8.14
N ASN C 259 -8.40 -41.18 7.93
CA ASN C 259 -8.35 -39.77 8.29
C ASN C 259 -8.40 -39.58 9.81
N ALA C 260 -7.23 -39.72 10.43
CA ALA C 260 -7.13 -39.78 11.88
C ALA C 260 -7.09 -38.41 12.55
N ARG C 261 -7.45 -38.41 13.82
CA ARG C 261 -7.43 -37.24 14.67
C ARG C 261 -6.14 -37.28 15.49
N VAL C 262 -5.05 -36.83 14.86
CA VAL C 262 -3.73 -36.86 15.50
C VAL C 262 -3.64 -35.81 16.61
N VAL C 263 -2.83 -36.12 17.62
CA VAL C 263 -2.61 -35.22 18.76
C VAL C 263 -1.23 -35.49 19.36
N VAL C 264 -0.56 -34.44 19.82
CA VAL C 264 0.77 -34.55 20.44
C VAL C 264 0.84 -33.85 21.81
N SER C 265 1.68 -34.38 22.70
CA SER C 265 1.86 -33.83 24.07
C SER C 265 3.32 -33.79 24.48
N GLN C 266 3.61 -33.00 25.51
CA GLN C 266 4.91 -33.00 26.18
C GLN C 266 4.67 -32.86 27.69
N GLN C 267 4.61 -34.00 28.37
CA GLN C 267 4.47 -34.05 29.82
C GLN C 267 3.15 -33.44 30.26
N GLY C 268 2.06 -34.14 29.94
CA GLY C 268 0.73 -33.79 30.42
C GLY C 268 0.03 -32.76 29.55
N ARG C 269 0.68 -31.61 29.38
CA ARG C 269 0.14 -30.50 28.59
C ARG C 269 0.01 -30.83 27.09
N VAL C 270 -1.09 -30.38 26.49
CA VAL C 270 -1.42 -30.68 25.09
C VAL C 270 -0.66 -29.74 24.16
N LEU C 271 0.19 -30.31 23.30
CA LEU C 271 1.06 -29.52 22.43
C LEU C 271 0.34 -29.14 21.14
N TYR C 272 -0.34 -30.10 20.52
CA TYR C 272 -1.12 -29.84 19.28
C TYR C 272 -2.08 -30.98 18.97
N ASP C 273 -3.22 -30.65 18.36
CA ASP C 273 -4.16 -31.68 17.88
C ASP C 273 -5.08 -31.16 16.79
N SER C 274 -5.24 -31.97 15.73
CA SER C 274 -6.13 -31.65 14.63
C SER C 274 -6.46 -32.89 13.80
N MET C 275 -7.36 -32.71 12.85
CA MET C 275 -7.75 -33.76 11.92
C MET C 275 -6.66 -33.94 10.87
N VAL C 276 -6.59 -35.15 10.30
CA VAL C 276 -5.61 -35.48 9.26
C VAL C 276 -6.32 -36.25 8.14
N PRO C 277 -5.87 -36.09 6.88
CA PRO C 277 -6.44 -36.90 5.80
C PRO C 277 -6.02 -38.37 5.87
N ALA C 278 -6.68 -39.20 5.07
CA ALA C 278 -6.41 -40.64 5.04
C ALA C 278 -5.12 -41.01 4.27
N GLY C 279 -4.00 -41.07 4.99
CA GLY C 279 -2.71 -41.44 4.41
C GLY C 279 -1.52 -40.93 5.22
N PRO C 280 -0.43 -40.52 4.54
CA PRO C 280 0.71 -39.95 5.27
C PRO C 280 0.41 -38.54 5.78
N PHE C 281 1.29 -38.01 6.63
CA PHE C 281 1.08 -36.68 7.22
C PHE C 281 2.33 -36.03 7.79
N SER C 282 2.23 -34.73 8.05
CA SER C 282 3.23 -33.99 8.80
C SER C 282 2.65 -32.71 9.42
N ILE C 283 2.66 -32.66 10.75
CA ILE C 283 2.25 -31.46 11.50
C ILE C 283 3.46 -30.55 11.78
N GLN C 284 3.66 -29.54 10.92
CA GLN C 284 4.72 -28.53 11.09
C GLN C 284 4.16 -27.20 11.59
N ASP C 285 3.31 -27.28 12.62
CA ASP C 285 2.58 -26.15 13.18
C ASP C 285 2.93 -25.92 14.65
N LEU C 286 4.03 -26.51 15.12
CA LEU C 286 4.41 -26.42 16.52
C LEU C 286 5.11 -25.08 16.80
N ASP C 287 5.27 -24.80 18.09
CA ASP C 287 6.02 -23.65 18.59
C ASP C 287 7.45 -23.60 18.00
N SER C 288 7.98 -22.38 17.89
CA SER C 288 9.33 -22.14 17.37
C SER C 288 10.41 -22.89 18.13
N SER C 289 10.40 -22.77 19.46
CA SER C 289 11.37 -23.44 20.32
C SER C 289 10.66 -24.52 21.14
N VAL C 290 10.86 -25.76 20.74
CA VAL C 290 10.38 -26.91 21.51
C VAL C 290 11.62 -27.65 21.99
N ARG C 291 11.62 -27.97 23.29
CA ARG C 291 12.76 -28.63 23.92
C ARG C 291 12.25 -29.69 24.90
N GLY C 292 11.90 -30.86 24.37
CA GLY C 292 11.47 -31.99 25.20
C GLY C 292 11.12 -33.29 24.50
N ARG C 293 10.51 -34.22 25.26
CA ARG C 293 10.05 -35.52 24.75
C ARG C 293 8.61 -35.40 24.25
N LEU C 294 8.41 -35.55 22.94
CA LEU C 294 7.09 -35.38 22.29
C LEU C 294 6.37 -36.73 22.10
N ASP C 295 5.19 -36.86 22.71
CA ASP C 295 4.37 -38.08 22.63
C ASP C 295 3.18 -37.90 21.68
N VAL C 296 3.26 -38.55 20.51
CA VAL C 296 2.20 -38.50 19.50
C VAL C 296 1.17 -39.57 19.83
N GLU C 297 -0.11 -39.30 19.54
CA GLU C 297 -1.17 -40.31 19.60
C GLU C 297 -2.12 -40.17 18.42
N VAL C 298 -2.17 -41.19 17.57
CA VAL C 298 -3.01 -41.17 16.37
C VAL C 298 -4.31 -41.89 16.67
N ILE C 299 -5.41 -41.14 16.77
CA ILE C 299 -6.72 -41.74 17.02
C ILE C 299 -7.41 -41.93 15.67
N GLU C 300 -7.60 -43.19 15.26
CA GLU C 300 -8.10 -43.52 13.91
C GLU C 300 -9.63 -43.43 13.79
N GLN C 301 -10.08 -43.37 12.53
CA GLN C 301 -11.49 -43.46 12.20
C GLN C 301 -12.05 -44.83 12.57
N ASN C 302 -11.24 -45.88 12.43
CA ASN C 302 -11.63 -47.22 12.92
C ASN C 302 -11.76 -47.32 14.44
N GLY C 303 -10.95 -46.57 15.19
CA GLY C 303 -10.96 -46.57 16.66
C GLY C 303 -9.64 -46.96 17.29
N ARG C 304 -8.90 -47.85 16.62
CA ARG C 304 -7.54 -48.23 17.01
C ARG C 304 -6.63 -47.02 17.23
N LYS C 305 -5.95 -46.98 18.37
CA LYS C 305 -5.11 -45.83 18.76
C LYS C 305 -3.61 -46.13 18.64
N LYS C 306 -3.01 -45.79 17.50
CA LYS C 306 -1.55 -45.90 17.30
C LYS C 306 -0.81 -44.85 18.16
N THR C 307 0.45 -45.14 18.49
CA THR C 307 1.27 -44.29 19.38
C THR C 307 2.76 -44.33 18.96
N PHE C 308 3.44 -43.19 19.05
CA PHE C 308 4.89 -43.10 18.86
C PHE C 308 5.47 -41.87 19.56
N GLN C 309 6.60 -42.04 20.25
CA GLN C 309 7.21 -40.99 21.06
C GLN C 309 8.58 -40.59 20.50
N VAL C 310 8.78 -39.29 20.26
CA VAL C 310 10.01 -38.76 19.64
C VAL C 310 10.48 -37.45 20.33
N ASP C 311 11.65 -37.49 20.96
CA ASP C 311 12.27 -36.28 21.54
C ASP C 311 12.81 -35.39 20.42
N THR C 312 12.90 -34.08 20.68
CA THR C 312 13.24 -33.08 19.66
C THR C 312 14.73 -33.05 19.30
N ALA C 313 15.03 -32.55 18.10
CA ALA C 313 16.40 -32.49 17.59
C ALA C 313 17.23 -31.38 18.27
N SER C 314 17.96 -31.75 19.32
CA SER C 314 18.73 -30.80 20.13
C SER C 314 19.98 -30.31 19.39
N VAL C 315 19.98 -29.02 19.04
CA VAL C 315 21.12 -28.38 18.37
C VAL C 315 22.25 -28.13 19.38
N PRO C 316 23.51 -28.12 18.93
CA PRO C 316 24.63 -27.66 19.76
C PRO C 316 24.40 -26.33 20.48
N TYR C 317 24.68 -26.27 21.79
CA TYR C 317 24.56 -25.02 22.56
C TYR C 317 25.81 -24.16 22.33
N LEU C 318 25.90 -23.58 21.14
CA LEU C 318 27.05 -22.79 20.71
C LEU C 318 26.81 -21.29 20.91
N THR C 319 27.89 -20.53 20.84
CA THR C 319 27.85 -19.08 21.01
C THR C 319 28.99 -18.43 20.23
N ARG C 320 28.88 -17.12 19.98
CA ARG C 320 29.91 -16.38 19.25
C ARG C 320 31.15 -16.17 20.12
N PRO C 321 32.30 -15.81 19.51
CA PRO C 321 33.49 -15.48 20.29
C PRO C 321 33.27 -14.35 21.30
N GLY C 322 32.57 -13.30 20.88
CA GLY C 322 32.25 -12.17 21.75
C GLY C 322 31.16 -12.48 22.77
N GLN C 323 29.97 -12.82 22.28
CA GLN C 323 28.77 -12.98 23.12
C GLN C 323 28.78 -14.28 23.94
N VAL C 324 27.80 -14.42 24.83
CA VAL C 324 27.68 -15.58 25.71
C VAL C 324 26.26 -15.75 26.27
N ARG C 325 25.55 -16.80 25.82
CA ARG C 325 24.20 -17.10 26.30
C ARG C 325 24.21 -17.59 27.75
N TYR C 326 23.08 -17.42 28.43
CA TYR C 326 22.94 -17.88 29.82
C TYR C 326 21.50 -18.12 30.24
N LYS C 327 21.34 -18.95 31.26
CA LYS C 327 20.04 -19.29 31.85
C LYS C 327 20.12 -19.37 33.37
N LEU C 328 19.01 -19.12 34.05
CA LEU C 328 18.99 -19.04 35.52
C LEU C 328 17.59 -19.29 36.08
N VAL C 329 17.24 -20.57 36.22
CA VAL C 329 15.91 -20.99 36.65
C VAL C 329 15.87 -21.26 38.15
N SER C 330 14.68 -21.10 38.73
CA SER C 330 14.41 -21.56 40.09
C SER C 330 12.91 -21.80 40.26
N GLY C 331 12.53 -22.68 41.18
CA GLY C 331 11.12 -23.01 41.38
C GLY C 331 10.86 -24.20 42.27
N ARG C 332 9.73 -24.88 42.03
CA ARG C 332 9.22 -25.95 42.89
C ARG C 332 8.66 -27.16 42.13
N SER C 333 8.28 -28.18 42.90
CA SER C 333 7.64 -29.41 42.41
C SER C 333 6.36 -29.16 41.61
N ARG C 334 6.28 -29.79 40.43
CA ARG C 334 5.07 -29.72 39.61
C ARG C 334 3.98 -30.68 40.10
N GLY C 335 2.95 -30.13 40.75
CA GLY C 335 1.84 -30.90 41.32
C GLY C 335 0.63 -30.97 40.40
N PRO C 343 10.73 -29.61 47.35
CA PRO C 343 12.15 -29.54 47.12
C PRO C 343 12.51 -28.31 46.28
N VAL C 344 12.45 -27.13 46.90
CA VAL C 344 12.77 -25.87 46.22
C VAL C 344 14.17 -25.96 45.60
N PHE C 345 14.28 -25.63 44.33
CA PHE C 345 15.52 -25.82 43.57
C PHE C 345 15.98 -24.55 42.89
N ALA C 346 17.18 -24.64 42.31
CA ALA C 346 17.73 -23.57 41.48
C ALA C 346 18.77 -24.17 40.53
N THR C 347 18.81 -23.66 39.31
CA THR C 347 19.71 -24.20 38.28
C THR C 347 20.02 -23.18 37.18
N GLY C 348 21.14 -23.38 36.51
CA GLY C 348 21.58 -22.48 35.44
C GLY C 348 22.65 -23.06 34.54
N GLU C 349 22.89 -22.37 33.43
CA GLU C 349 23.91 -22.75 32.47
C GLU C 349 24.35 -21.55 31.64
N ALA C 350 25.47 -21.71 30.94
CA ALA C 350 26.04 -20.67 30.10
C ALA C 350 27.06 -21.25 29.13
N SER C 351 27.24 -20.59 28.00
CA SER C 351 28.19 -21.07 26.99
C SER C 351 29.17 -19.98 26.55
N TRP C 352 30.47 -20.29 26.62
CA TRP C 352 31.54 -19.43 26.14
C TRP C 352 32.36 -20.22 25.13
N GLY C 353 32.62 -19.61 23.98
CA GLY C 353 33.40 -20.24 22.93
C GLY C 353 34.78 -19.64 22.86
N LEU C 354 35.79 -20.49 23.01
CA LEU C 354 37.19 -20.04 23.05
C LEU C 354 37.59 -19.33 21.76
N SER C 355 37.26 -19.95 20.64
CA SER C 355 37.58 -19.43 19.31
C SER C 355 36.41 -19.65 18.37
N ASN C 356 36.22 -18.73 17.41
CA ASN C 356 35.19 -18.92 16.39
C ASN C 356 35.22 -20.37 15.92
N GLN C 357 34.04 -20.98 15.83
CA GLN C 357 33.88 -22.42 15.60
C GLN C 357 34.17 -23.26 16.85
N TRP C 358 34.43 -22.62 17.99
CA TRP C 358 34.65 -23.30 19.26
C TRP C 358 33.70 -22.69 20.29
N SER C 359 32.72 -23.48 20.76
CA SER C 359 31.84 -23.08 21.87
C SER C 359 32.01 -24.10 23.00
N LEU C 360 31.93 -23.63 24.24
CA LEU C 360 31.95 -24.48 25.44
C LEU C 360 30.63 -24.30 26.19
N TYR C 361 30.04 -25.41 26.66
CA TYR C 361 28.76 -25.40 27.40
C TYR C 361 28.98 -26.02 28.78
N GLY C 362 28.31 -25.51 29.82
CA GLY C 362 28.42 -26.09 31.18
C GLY C 362 27.17 -25.88 32.01
N GLY C 363 26.69 -26.93 32.68
CA GLY C 363 25.43 -26.86 33.43
C GLY C 363 25.46 -27.56 34.78
N ALA C 364 24.61 -27.12 35.69
CA ALA C 364 24.51 -27.73 37.03
C ALA C 364 23.15 -27.45 37.68
N VAL C 365 22.68 -28.43 38.47
CA VAL C 365 21.38 -28.37 39.14
C VAL C 365 21.54 -28.65 40.63
N LEU C 366 21.02 -27.74 41.46
CA LEU C 366 21.13 -27.84 42.92
C LEU C 366 19.76 -28.04 43.57
N ALA C 367 19.69 -28.99 44.50
CA ALA C 367 18.45 -29.31 45.22
C ALA C 367 18.76 -30.13 46.49
N GLY C 368 17.74 -30.41 47.30
CA GLY C 368 17.91 -31.18 48.53
C GLY C 368 18.18 -32.65 48.28
N ASP C 369 19.43 -32.98 48.01
CA ASP C 369 19.88 -34.33 47.60
C ASP C 369 19.26 -34.78 46.27
N TYR C 370 19.31 -33.90 45.28
CA TYR C 370 18.83 -34.19 43.93
C TYR C 370 19.69 -33.47 42.90
N ASN C 371 21.00 -33.70 43.00
CA ASN C 371 22.01 -32.88 42.31
C ASN C 371 22.60 -33.55 41.08
N ALA C 372 23.21 -32.73 40.23
CA ALA C 372 23.83 -33.18 38.98
C ALA C 372 24.83 -32.15 38.45
N LEU C 373 25.77 -32.61 37.65
CA LEU C 373 26.85 -31.78 37.10
C LEU C 373 27.17 -32.21 35.67
N ALA C 374 27.48 -31.25 34.80
CA ALA C 374 27.62 -31.50 33.37
C ALA C 374 28.52 -30.48 32.66
N ALA C 375 29.25 -30.97 31.66
CA ALA C 375 30.15 -30.13 30.85
C ALA C 375 30.49 -30.77 29.51
N GLY C 376 31.01 -29.97 28.61
CA GLY C 376 31.32 -30.40 27.25
C GLY C 376 31.29 -29.24 26.26
N ALA C 377 32.22 -29.28 25.31
CA ALA C 377 32.44 -28.20 24.37
C ALA C 377 31.69 -28.44 23.05
N GLY C 378 32.01 -27.66 22.03
CA GLY C 378 31.45 -27.83 20.69
C GLY C 378 32.34 -27.32 19.57
N TRP C 379 31.89 -27.52 18.34
CA TRP C 379 32.60 -27.06 17.14
C TRP C 379 31.67 -26.61 16.02
N ASP C 380 32.18 -25.72 15.17
CA ASP C 380 31.56 -25.38 13.89
C ASP C 380 32.57 -25.77 12.81
N LEU C 381 32.14 -26.63 11.88
CA LEU C 381 33.02 -27.15 10.83
C LEU C 381 32.45 -26.79 9.46
N GLY C 382 32.13 -25.51 9.30
CA GLY C 382 31.59 -24.97 8.05
C GLY C 382 30.20 -25.46 7.72
N VAL C 383 29.83 -25.30 6.46
CA VAL C 383 28.54 -25.80 5.94
C VAL C 383 28.43 -27.33 5.80
N PRO C 384 29.56 -28.07 5.85
CA PRO C 384 29.41 -29.53 6.00
C PRO C 384 28.61 -29.95 7.25
N GLY C 385 28.89 -29.33 8.39
CA GLY C 385 28.14 -29.61 9.62
C GLY C 385 28.75 -28.98 10.87
N THR C 386 28.11 -29.21 12.02
CA THR C 386 28.58 -28.71 13.32
C THR C 386 28.39 -29.78 14.41
N LEU C 387 29.44 -30.55 14.66
CA LEU C 387 29.43 -31.62 15.65
C LEU C 387 29.80 -31.08 17.02
N SER C 388 28.99 -31.42 18.03
CA SER C 388 29.23 -31.02 19.43
C SER C 388 28.58 -32.02 20.38
N ALA C 389 29.26 -32.29 21.50
CA ALA C 389 28.82 -33.30 22.46
C ALA C 389 28.95 -32.82 23.90
N ASP C 390 28.32 -33.56 24.82
CA ASP C 390 28.35 -33.24 26.25
C ASP C 390 28.37 -34.52 27.10
N ILE C 391 28.88 -34.38 28.33
CA ILE C 391 28.90 -35.48 29.32
C ILE C 391 28.43 -34.96 30.67
N THR C 392 28.05 -35.87 31.53
CA THR C 392 27.38 -35.50 32.79
C THR C 392 27.30 -36.63 33.83
N GLN C 393 27.40 -36.26 35.11
CA GLN C 393 27.20 -37.18 36.23
C GLN C 393 25.92 -36.81 36.97
N SER C 394 25.58 -37.59 38.00
CA SER C 394 24.40 -37.35 38.81
C SER C 394 24.56 -37.92 40.21
N VAL C 395 23.86 -37.35 41.19
CA VAL C 395 23.98 -37.77 42.59
C VAL C 395 22.65 -37.66 43.33
N ALA C 396 21.73 -38.55 42.96
CA ALA C 396 20.39 -38.57 43.54
C ALA C 396 20.37 -39.45 44.79
N ARG C 397 20.63 -38.84 45.95
CA ARG C 397 20.45 -39.53 47.23
C ARG C 397 19.00 -39.40 47.68
N ILE C 398 18.24 -40.50 47.54
CA ILE C 398 16.89 -40.59 48.10
C ILE C 398 17.00 -40.70 49.62
N GLU C 399 15.96 -40.25 50.35
CA GLU C 399 15.91 -40.44 51.81
C GLU C 399 15.88 -41.93 52.11
N GLY C 400 16.85 -42.41 52.88
CA GLY C 400 17.07 -43.83 53.06
C GLY C 400 17.53 -44.42 51.72
N GLU C 401 17.13 -45.65 51.44
CA GLU C 401 17.36 -46.26 50.13
C GLU C 401 18.85 -46.22 49.75
N ARG C 402 19.20 -45.74 48.55
CA ARG C 402 20.60 -45.65 48.14
C ARG C 402 20.90 -44.30 47.50
N THR C 403 22.15 -43.89 47.58
CA THR C 403 22.67 -42.86 46.69
C THR C 403 22.83 -43.50 45.32
N PHE C 404 22.38 -42.81 44.28
CA PHE C 404 22.48 -43.28 42.90
C PHE C 404 23.45 -42.41 42.10
N GLN C 405 24.72 -42.82 42.13
CA GLN C 405 25.80 -42.14 41.42
C GLN C 405 26.07 -42.84 40.10
N GLY C 406 25.92 -42.10 39.00
CA GLY C 406 26.14 -42.65 37.65
C GLY C 406 26.68 -41.61 36.69
N LYS C 407 26.49 -41.87 35.39
CA LYS C 407 26.98 -40.97 34.36
C LYS C 407 26.29 -41.17 33.01
N SER C 408 26.47 -40.19 32.13
CA SER C 408 25.91 -40.20 30.77
C SER C 408 26.75 -39.34 29.81
N TRP C 409 26.53 -39.55 28.51
CA TRP C 409 27.27 -38.84 27.47
C TRP C 409 26.39 -38.61 26.24
N ARG C 410 26.05 -37.34 25.98
CA ARG C 410 25.32 -36.95 24.78
C ARG C 410 26.26 -36.70 23.60
N LEU C 411 25.68 -36.68 22.40
CA LEU C 411 26.42 -36.37 21.16
C LEU C 411 25.45 -35.90 20.08
N SER C 412 25.92 -35.07 19.16
CA SER C 412 25.07 -34.50 18.09
C SER C 412 25.85 -34.02 16.87
N TYR C 413 25.15 -33.97 15.73
CA TYR C 413 25.72 -33.51 14.46
C TYR C 413 24.64 -32.77 13.68
N SER C 414 24.72 -31.44 13.68
CA SER C 414 23.75 -30.59 12.99
C SER C 414 24.27 -30.16 11.62
N LYS C 415 23.33 -29.81 10.73
CA LYS C 415 23.63 -29.35 9.37
C LYS C 415 22.39 -28.67 8.77
N ARG C 416 22.25 -27.37 9.05
CA ARG C 416 21.14 -26.55 8.57
C ARG C 416 21.64 -25.54 7.53
N PHE C 417 21.42 -25.87 6.26
CA PHE C 417 21.90 -25.06 5.13
C PHE C 417 20.88 -23.97 4.77
N ASP C 418 21.37 -22.88 4.17
CA ASP C 418 20.56 -21.77 3.65
C ASP C 418 19.81 -21.03 4.75
N ASP C 423 18.61 -27.95 2.06
CA ASP C 423 18.61 -29.15 2.89
C ASP C 423 18.70 -28.82 4.38
N ILE C 424 18.10 -29.68 5.20
CA ILE C 424 18.20 -29.62 6.67
C ILE C 424 18.23 -31.07 7.23
N THR C 425 19.24 -31.39 8.04
CA THR C 425 19.47 -32.75 8.57
C THR C 425 20.06 -32.74 9.98
N PHE C 426 19.87 -33.85 10.73
CA PHE C 426 20.36 -33.96 12.13
C PHE C 426 20.52 -35.40 12.63
N ALA C 427 21.53 -35.63 13.47
CA ALA C 427 21.74 -36.91 14.15
C ALA C 427 22.15 -36.68 15.59
N GLY C 428 22.04 -37.74 16.40
CA GLY C 428 22.44 -37.68 17.80
C GLY C 428 22.48 -39.03 18.51
N TYR C 429 23.23 -39.10 19.60
CA TYR C 429 23.33 -40.32 20.43
C TYR C 429 23.59 -39.96 21.89
N ARG C 430 22.86 -40.63 22.79
CA ARG C 430 22.95 -40.36 24.22
C ARG C 430 23.15 -41.65 24.99
N PHE C 431 24.41 -42.02 25.23
CA PHE C 431 24.76 -43.18 26.06
C PHE C 431 24.60 -42.83 27.54
N SER C 432 24.02 -43.75 28.31
CA SER C 432 23.73 -43.53 29.73
C SER C 432 23.91 -44.79 30.58
N GLU C 433 24.20 -44.59 31.86
CA GLU C 433 24.39 -45.69 32.81
C GLU C 433 23.05 -46.09 33.43
N ARG C 434 23.10 -47.09 34.31
CA ARG C 434 21.92 -47.54 35.06
C ARG C 434 21.46 -46.49 36.08
N ASN C 435 22.41 -46.00 36.89
CA ASN C 435 22.11 -45.03 37.97
C ASN C 435 22.01 -43.55 37.55
N TYR C 436 22.10 -43.25 36.26
CA TYR C 436 21.86 -41.89 35.76
C TYR C 436 20.40 -41.50 35.99
N MET C 437 20.18 -40.30 36.54
CA MET C 437 18.83 -39.85 36.92
C MET C 437 18.67 -38.33 36.89
N THR C 438 17.66 -37.85 36.17
CA THR C 438 17.33 -36.43 36.07
C THR C 438 16.47 -35.98 37.25
N MET C 439 16.11 -34.70 37.30
CA MET C 439 15.20 -34.16 38.32
C MET C 439 13.80 -34.74 38.21
N GLU C 440 13.41 -35.10 36.98
CA GLU C 440 12.17 -35.85 36.75
C GLU C 440 12.28 -37.26 37.32
N GLN C 441 13.39 -37.94 37.04
CA GLN C 441 13.66 -39.28 37.58
C GLN C 441 13.76 -39.27 39.10
N TYR C 442 14.26 -38.17 39.67
CA TYR C 442 14.36 -38.03 41.13
C TYR C 442 13.00 -37.90 41.79
N LEU C 443 12.15 -37.03 41.25
CA LEU C 443 10.85 -36.73 41.89
C LEU C 443 9.91 -37.94 41.86
N ASN C 444 9.86 -38.65 40.75
CA ASN C 444 9.07 -39.90 40.67
C ASN C 444 9.63 -41.06 41.49
N ALA C 445 10.96 -41.13 41.64
CA ALA C 445 11.59 -42.17 42.47
C ALA C 445 11.42 -41.91 43.97
N ARG C 446 11.58 -40.66 44.37
CA ARG C 446 11.48 -40.26 45.78
C ARG C 446 10.04 -40.35 46.28
N TYR C 447 9.15 -39.56 45.66
CA TYR C 447 7.76 -39.45 46.11
C TYR C 447 6.88 -40.54 45.50
N ARG C 448 6.85 -40.62 44.18
CA ARG C 448 5.97 -41.56 43.46
C ARG C 448 6.39 -43.03 43.56
N ASN C 449 7.64 -43.29 43.96
CA ASN C 449 8.18 -44.63 44.16
C ASN C 449 8.27 -45.43 42.84
N ASP C 450 8.71 -44.75 41.78
CA ASP C 450 8.92 -45.35 40.47
C ASP C 450 10.41 -45.39 40.15
N TYR C 451 10.98 -46.60 40.13
CA TYR C 451 12.37 -46.84 39.73
C TYR C 451 12.47 -47.44 38.32
N SER C 452 11.37 -47.48 37.59
CA SER C 452 11.34 -48.02 36.23
C SER C 452 11.81 -46.98 35.20
N SER C 453 11.89 -47.40 33.95
CA SER C 453 12.13 -46.54 32.78
C SER C 453 13.52 -45.89 32.78
N ARG C 454 14.56 -46.71 32.96
CA ARG C 454 15.94 -46.25 32.89
C ARG C 454 16.48 -46.39 31.46
N GLU C 455 16.78 -45.28 30.80
CA GLU C 455 17.31 -45.30 29.42
C GLU C 455 18.78 -45.71 29.37
N LYS C 456 19.14 -46.64 28.47
CA LYS C 456 20.54 -47.00 28.26
C LYS C 456 21.12 -46.16 27.13
N GLU C 457 20.45 -46.20 25.97
CA GLU C 457 20.86 -45.41 24.82
C GLU C 457 19.70 -44.55 24.31
N MET C 458 20.05 -43.55 23.50
CA MET C 458 19.09 -42.61 22.92
C MET C 458 19.55 -42.19 21.53
N TYR C 459 19.66 -43.17 20.64
CA TYR C 459 20.05 -42.93 19.25
C TYR C 459 18.92 -42.24 18.49
N THR C 460 19.28 -41.32 17.60
CA THR C 460 18.31 -40.62 16.76
C THR C 460 18.96 -39.98 15.53
N VAL C 461 18.32 -40.18 14.37
CA VAL C 461 18.79 -39.64 13.09
C VAL C 461 17.60 -39.17 12.26
N THR C 462 17.81 -38.07 11.52
CA THR C 462 16.74 -37.48 10.74
C THR C 462 17.29 -36.59 9.61
N LEU C 463 16.67 -36.67 8.44
CA LEU C 463 17.10 -35.90 7.27
C LEU C 463 15.91 -35.35 6.47
N ASN C 464 16.04 -34.09 6.04
CA ASN C 464 15.13 -33.47 5.09
C ASN C 464 15.94 -32.67 4.06
N LYS C 465 16.64 -33.39 3.19
CA LYS C 465 17.54 -32.80 2.20
C LYS C 465 16.93 -32.82 0.80
N ASN C 466 16.98 -31.69 0.11
CA ASN C 466 16.41 -31.52 -1.21
C ASN C 466 17.53 -31.47 -2.24
N VAL C 467 17.33 -32.23 -3.33
CA VAL C 467 18.23 -32.19 -4.47
C VAL C 467 17.42 -31.68 -5.66
N ALA C 468 17.70 -30.44 -6.06
CA ALA C 468 17.07 -29.86 -7.26
C ALA C 468 17.58 -30.53 -8.56
N ASP C 469 18.75 -31.15 -8.49
CA ASP C 469 19.32 -31.93 -9.60
C ASP C 469 18.40 -33.08 -10.05
N TRP C 470 18.08 -33.98 -9.12
CA TRP C 470 17.27 -35.16 -9.42
C TRP C 470 15.77 -34.90 -9.54
N ASN C 471 15.31 -33.69 -9.16
CA ASN C 471 13.87 -33.39 -9.05
C ASN C 471 13.22 -34.32 -8.03
N THR C 472 13.76 -34.29 -6.82
CA THR C 472 13.33 -35.16 -5.73
C THR C 472 13.82 -34.65 -4.38
N SER C 473 13.12 -35.07 -3.32
CA SER C 473 13.44 -34.69 -1.94
C SER C 473 13.04 -35.78 -0.95
N PHE C 474 14.02 -36.28 -0.21
CA PHE C 474 13.78 -37.28 0.82
C PHE C 474 13.30 -36.64 2.10
N ASN C 475 12.75 -37.48 2.99
CA ASN C 475 12.39 -37.08 4.34
C ASN C 475 12.31 -38.32 5.23
N LEU C 476 13.31 -38.51 6.10
CA LEU C 476 13.42 -39.69 6.96
C LEU C 476 13.66 -39.29 8.42
N GLN C 477 13.20 -40.14 9.35
CA GLN C 477 13.30 -39.85 10.79
C GLN C 477 13.05 -41.09 11.67
N TYR C 478 14.13 -41.62 12.26
CA TYR C 478 14.07 -42.78 13.17
C TYR C 478 14.90 -42.53 14.43
N SER C 479 14.51 -43.18 15.52
CA SER C 479 15.19 -43.00 16.81
C SER C 479 15.09 -44.25 17.69
N ARG C 480 16.24 -44.85 17.99
CA ARG C 480 16.31 -46.03 18.85
C ARG C 480 16.70 -45.64 20.28
N GLN C 481 15.68 -45.53 21.14
CA GLN C 481 15.87 -45.21 22.56
C GLN C 481 15.69 -46.46 23.40
N THR C 482 16.79 -47.21 23.55
CA THR C 482 16.78 -48.50 24.25
C THR C 482 17.04 -48.31 25.75
N TYR C 483 16.07 -48.74 26.55
CA TYR C 483 16.17 -48.67 28.02
C TYR C 483 17.18 -49.69 28.52
N TRP C 484 17.87 -49.39 29.62
CA TRP C 484 18.82 -50.33 30.19
C TRP C 484 18.04 -51.41 30.90
N ASP C 485 18.08 -52.63 30.36
CA ASP C 485 17.40 -53.79 30.97
C ASP C 485 15.89 -53.79 30.79
N ILE C 486 15.23 -52.71 31.18
CA ILE C 486 13.76 -52.62 31.19
C ILE C 486 13.06 -52.80 29.85
N ARG C 487 13.61 -52.25 28.78
CA ARG C 487 12.90 -52.25 27.49
C ARG C 487 13.72 -51.78 26.28
N LYS C 488 13.19 -52.10 25.10
CA LYS C 488 13.70 -51.63 23.82
C LYS C 488 12.51 -51.13 23.00
N THR C 489 12.54 -49.83 22.67
CA THR C 489 11.52 -49.23 21.80
C THR C 489 12.21 -48.26 20.84
N ASP C 490 12.21 -48.61 19.55
CA ASP C 490 12.76 -47.77 18.50
C ASP C 490 11.69 -47.51 17.44
N TYR C 491 11.71 -46.29 16.89
CA TYR C 491 10.67 -45.82 15.95
C TYR C 491 11.27 -45.43 14.60
N TYR C 492 10.41 -45.37 13.58
CA TYR C 492 10.85 -45.05 12.22
C TYR C 492 9.71 -44.40 11.43
N THR C 493 10.05 -43.37 10.67
CA THR C 493 9.12 -42.70 9.72
C THR C 493 9.93 -42.25 8.49
N VAL C 494 9.67 -42.84 7.31
CA VAL C 494 10.50 -42.60 6.12
C VAL C 494 9.73 -42.44 4.80
N SER C 495 10.30 -41.66 3.88
CA SER C 495 9.64 -41.33 2.62
C SER C 495 10.59 -40.67 1.62
N VAL C 496 10.19 -40.66 0.35
CA VAL C 496 10.92 -39.95 -0.68
C VAL C 496 10.01 -39.61 -1.86
N ASN C 497 9.69 -38.31 -2.01
CA ASN C 497 8.89 -37.81 -3.13
C ASN C 497 9.81 -37.42 -4.28
N ARG C 498 9.41 -37.76 -5.51
CA ARG C 498 10.18 -37.42 -6.71
C ARG C 498 9.26 -37.25 -7.91
N TYR C 499 9.67 -36.37 -8.82
CA TYR C 499 8.85 -35.99 -9.97
C TYR C 499 9.42 -36.55 -11.27
N PHE C 500 8.60 -36.50 -12.32
CA PHE C 500 8.97 -37.01 -13.63
C PHE C 500 8.00 -36.54 -14.70
N ASN C 501 8.53 -36.09 -15.84
CA ASN C 501 7.71 -35.68 -16.97
C ASN C 501 7.63 -36.83 -17.97
N VAL C 502 6.56 -37.62 -17.90
CA VAL C 502 6.39 -38.73 -18.84
C VAL C 502 6.18 -38.14 -20.23
N PHE C 503 7.00 -38.55 -21.18
CA PHE C 503 7.09 -37.89 -22.47
C PHE C 503 7.21 -36.37 -22.26
N GLY C 504 8.06 -36.00 -21.30
CA GLY C 504 8.21 -34.62 -20.90
C GLY C 504 6.92 -34.07 -20.31
N LEU C 505 6.65 -32.80 -20.62
CA LEU C 505 5.39 -32.15 -20.27
C LEU C 505 5.22 -32.04 -18.73
N GLN C 506 4.05 -32.40 -18.21
CA GLN C 506 3.75 -32.20 -16.78
C GLN C 506 4.56 -33.12 -15.88
N GLY C 507 4.71 -32.68 -14.62
CA GLY C 507 5.48 -33.40 -13.61
C GLY C 507 4.61 -34.22 -12.67
N VAL C 508 4.38 -35.48 -13.03
CA VAL C 508 3.66 -36.42 -12.19
C VAL C 508 4.58 -36.88 -11.06
N ALA C 509 4.03 -36.98 -9.86
CA ALA C 509 4.80 -37.33 -8.66
C ALA C 509 4.46 -38.75 -8.17
N VAL C 510 5.44 -39.42 -7.59
CA VAL C 510 5.23 -40.75 -6.99
C VAL C 510 6.08 -40.89 -5.73
N GLY C 511 5.42 -40.91 -4.57
CA GLY C 511 6.10 -40.95 -3.28
C GLY C 511 5.80 -42.22 -2.48
N LEU C 512 6.76 -43.14 -2.47
CA LEU C 512 6.67 -44.34 -1.62
C LEU C 512 7.15 -43.97 -0.21
N SER C 513 6.43 -44.48 0.80
CA SER C 513 6.70 -44.13 2.20
C SER C 513 6.44 -45.32 3.12
N ALA C 514 7.04 -45.26 4.31
CA ALA C 514 6.81 -46.26 5.35
C ALA C 514 7.11 -45.73 6.75
N SER C 515 6.58 -46.41 7.76
CA SER C 515 6.79 -46.03 9.15
C SER C 515 6.47 -47.16 10.13
N ARG C 516 6.97 -47.03 11.35
CA ARG C 516 6.74 -48.00 12.41
C ARG C 516 6.32 -47.31 13.71
N SER C 517 5.18 -47.74 14.27
CA SER C 517 4.51 -47.08 15.40
C SER C 517 3.97 -48.09 16.40
N LYS C 518 4.14 -47.83 17.70
CA LYS C 518 3.69 -48.75 18.76
C LYS C 518 2.17 -48.75 18.92
N TYR C 519 1.57 -49.94 19.02
CA TYR C 519 0.14 -50.14 19.29
C TYR C 519 -0.04 -51.30 20.27
N LEU C 520 -0.80 -51.08 21.35
CA LEU C 520 -1.04 -52.09 22.39
C LEU C 520 0.27 -52.56 23.08
N GLY C 521 1.24 -51.65 23.20
CA GLY C 521 2.60 -52.00 23.62
C GLY C 521 3.39 -52.84 22.63
N ARG C 522 2.91 -52.94 21.38
CA ARG C 522 3.51 -53.77 20.33
C ARG C 522 3.75 -52.87 19.11
N ASP C 523 4.90 -52.98 18.48
CA ASP C 523 5.22 -52.10 17.33
C ASP C 523 4.45 -52.49 16.07
N ASN C 524 4.05 -51.47 15.29
CA ASN C 524 3.28 -51.64 14.06
C ASN C 524 4.02 -51.03 12.91
N ASP C 525 4.27 -51.83 11.88
CA ASP C 525 4.76 -51.31 10.60
C ASP C 525 3.60 -50.82 9.73
N SER C 526 3.94 -50.02 8.74
CA SER C 526 2.95 -49.43 7.83
C SER C 526 3.66 -48.92 6.60
N ALA C 527 2.97 -48.97 5.46
CA ALA C 527 3.55 -48.55 4.18
C ALA C 527 2.52 -47.90 3.26
N TYR C 528 3.02 -47.06 2.35
CA TYR C 528 2.17 -46.23 1.48
C TYR C 528 2.89 -45.93 0.17
N LEU C 529 2.43 -46.54 -0.92
CA LEU C 529 2.89 -46.21 -2.27
C LEU C 529 1.91 -45.21 -2.88
N ARG C 530 2.27 -43.92 -2.89
CA ARG C 530 1.39 -42.82 -3.33
C ARG C 530 1.77 -42.24 -4.71
N ILE C 531 1.17 -42.80 -5.76
CA ILE C 531 1.35 -42.32 -7.14
C ILE C 531 0.37 -41.17 -7.43
N SER C 532 0.80 -40.23 -8.27
CA SER C 532 0.02 -39.02 -8.58
C SER C 532 0.39 -38.22 -9.82
N VAL C 533 -0.58 -37.46 -10.32
CA VAL C 533 -0.42 -36.65 -11.53
C VAL C 533 -1.26 -35.35 -11.46
N PRO C 534 -0.75 -34.23 -12.06
CA PRO C 534 -1.56 -33.00 -12.12
C PRO C 534 -2.85 -33.08 -12.97
N LEU C 535 -3.74 -32.13 -12.72
CA LEU C 535 -4.98 -31.95 -13.49
C LEU C 535 -5.54 -30.53 -13.25
N GLY C 536 -6.39 -30.05 -14.15
CA GLY C 536 -6.91 -28.67 -14.13
C GLY C 536 -7.60 -28.26 -12.84
N THR C 537 -8.81 -28.78 -12.64
CA THR C 537 -9.61 -28.45 -11.45
C THR C 537 -9.07 -29.20 -10.22
N GLY C 538 -9.17 -30.52 -10.27
CA GLY C 538 -8.76 -31.40 -9.16
C GLY C 538 -7.74 -32.45 -9.57
N THR C 539 -6.60 -32.45 -8.90
CA THR C 539 -5.53 -33.41 -9.16
C THR C 539 -6.01 -34.77 -8.69
N ALA C 540 -5.66 -35.82 -9.43
CA ALA C 540 -6.10 -37.19 -9.12
C ALA C 540 -4.96 -38.18 -9.23
N SER C 541 -4.98 -39.20 -8.37
CA SER C 541 -3.90 -40.20 -8.33
C SER C 541 -4.24 -41.44 -7.52
N TYR C 542 -3.54 -42.54 -7.81
CA TYR C 542 -3.75 -43.80 -7.10
C TYR C 542 -2.74 -43.91 -5.98
N SER C 543 -3.23 -44.19 -4.77
CA SER C 543 -2.37 -44.33 -3.60
C SER C 543 -2.65 -45.63 -2.85
N GLY C 544 -1.77 -46.61 -3.02
CA GLY C 544 -1.82 -47.85 -2.26
C GLY C 544 -1.40 -47.64 -0.81
N SER C 545 -1.83 -48.56 0.06
CA SER C 545 -1.57 -48.46 1.50
C SER C 545 -1.60 -49.82 2.20
N MET C 546 -0.89 -49.92 3.32
CA MET C 546 -0.94 -51.10 4.18
C MET C 546 -0.48 -50.83 5.60
N SER C 547 -0.91 -51.69 6.52
CA SER C 547 -0.46 -51.68 7.91
C SER C 547 -0.69 -53.06 8.52
N ASN C 548 0.40 -53.73 8.91
CA ASN C 548 0.39 -55.07 9.52
C ASN C 548 -0.22 -56.14 8.61
N ASP C 549 0.29 -56.20 7.38
CA ASP C 549 -0.18 -57.14 6.36
C ASP C 549 -1.69 -57.03 6.14
N ARG C 550 -2.11 -55.89 5.60
CA ARG C 550 -3.51 -55.64 5.25
C ARG C 550 -3.59 -54.59 4.15
N TYR C 551 -3.62 -55.06 2.90
CA TYR C 551 -3.46 -54.20 1.72
C TYR C 551 -4.72 -53.38 1.39
N VAL C 552 -4.50 -52.13 0.95
CA VAL C 552 -5.59 -51.22 0.53
C VAL C 552 -5.17 -50.51 -0.75
N ASN C 553 -6.14 -50.24 -1.62
CA ASN C 553 -5.91 -49.55 -2.88
C ASN C 553 -6.83 -48.33 -3.01
N MET C 554 -6.42 -47.21 -2.41
CA MET C 554 -7.16 -45.96 -2.47
C MET C 554 -6.85 -45.20 -3.77
N ALA C 555 -7.80 -44.36 -4.19
CA ALA C 555 -7.68 -43.58 -5.42
C ALA C 555 -8.75 -42.49 -5.50
N GLY C 556 -8.35 -41.22 -5.59
CA GLY C 556 -9.32 -40.12 -5.71
C GLY C 556 -8.73 -38.74 -5.93
N TYR C 557 -9.56 -37.83 -6.46
CA TYR C 557 -9.14 -36.47 -6.80
C TYR C 557 -9.36 -35.48 -5.66
N THR C 558 -8.83 -34.28 -5.83
CA THR C 558 -8.99 -33.20 -4.86
C THR C 558 -8.69 -31.85 -5.51
N ASP C 559 -9.67 -30.95 -5.49
CA ASP C 559 -9.56 -29.62 -6.14
C ASP C 559 -9.56 -28.46 -5.14
N THR C 560 -8.66 -27.51 -5.34
CA THR C 560 -8.66 -26.24 -4.59
C THR C 560 -9.65 -25.29 -5.24
N PHE C 561 -10.29 -24.43 -4.44
CA PHE C 561 -11.29 -23.47 -4.96
C PHE C 561 -11.56 -22.28 -4.02
N ASN C 562 -12.25 -21.27 -4.57
CA ASN C 562 -12.56 -20.00 -3.88
C ASN C 562 -11.32 -19.20 -3.46
N ASP C 563 -10.57 -18.74 -4.47
CA ASP C 563 -9.35 -17.93 -4.27
C ASP C 563 -8.27 -18.64 -3.44
N GLY C 564 -8.20 -19.97 -3.55
CA GLY C 564 -7.27 -20.78 -2.77
C GLY C 564 -7.55 -20.80 -1.26
N LEU C 565 -8.83 -20.77 -0.89
CA LEU C 565 -9.26 -20.75 0.51
C LEU C 565 -9.84 -22.10 0.93
N ASP C 566 -10.82 -22.59 0.18
CA ASP C 566 -11.50 -23.86 0.44
C ASP C 566 -10.94 -25.01 -0.40
N SER C 567 -11.18 -26.24 0.05
CA SER C 567 -10.75 -27.45 -0.67
C SER C 567 -11.52 -28.71 -0.26
N TYR C 568 -11.61 -29.66 -1.19
CA TYR C 568 -12.27 -30.96 -0.96
C TYR C 568 -11.43 -32.09 -1.54
N SER C 569 -11.76 -33.32 -1.17
CA SER C 569 -11.04 -34.51 -1.63
C SER C 569 -11.86 -35.79 -1.45
N LEU C 570 -12.61 -36.15 -2.49
CA LEU C 570 -13.47 -37.35 -2.46
C LEU C 570 -12.69 -38.60 -2.90
N ASN C 571 -12.02 -39.24 -1.95
CA ASN C 571 -11.26 -40.47 -2.21
C ASN C 571 -12.13 -41.71 -2.15
N ALA C 572 -11.57 -42.83 -2.63
CA ALA C 572 -12.25 -44.13 -2.59
C ALA C 572 -11.26 -45.26 -2.86
N GLY C 573 -11.57 -46.46 -2.37
CA GLY C 573 -10.71 -47.62 -2.58
C GLY C 573 -11.36 -48.95 -2.24
N LEU C 574 -10.53 -49.93 -1.90
CA LEU C 574 -11.00 -51.26 -1.52
C LEU C 574 -9.97 -51.98 -0.65
N ASN C 575 -10.42 -52.54 0.47
CA ASN C 575 -9.54 -53.21 1.44
C ASN C 575 -9.36 -54.68 1.11
N SER C 576 -8.14 -55.04 0.71
CA SER C 576 -7.78 -56.43 0.39
C SER C 576 -7.62 -57.25 1.65
N LEU C 580 -8.93 -63.16 3.17
CA LEU C 580 -9.42 -61.79 3.27
C LEU C 580 -10.07 -61.32 1.96
N THR C 581 -11.39 -61.39 1.88
CA THR C 581 -12.17 -60.97 0.70
C THR C 581 -12.22 -59.44 0.60
N SER C 582 -12.43 -58.94 -0.61
CA SER C 582 -12.50 -57.49 -0.87
C SER C 582 -13.73 -56.83 -0.25
N GLN C 583 -13.55 -55.60 0.25
CA GLN C 583 -14.65 -54.74 0.73
C GLN C 583 -14.31 -53.27 0.44
N ARG C 584 -15.27 -52.55 -0.14
CA ARG C 584 -15.08 -51.14 -0.53
C ARG C 584 -14.80 -50.17 0.63
N GLN C 585 -14.27 -49.00 0.29
CA GLN C 585 -14.02 -47.92 1.27
C GLN C 585 -14.13 -46.53 0.62
N ILE C 586 -15.28 -45.88 0.80
CA ILE C 586 -15.47 -44.50 0.36
C ILE C 586 -14.79 -43.53 1.32
N ASN C 587 -14.66 -42.28 0.88
CA ASN C 587 -13.95 -41.25 1.64
C ASN C 587 -14.27 -39.84 1.11
N ALA C 588 -14.18 -38.85 1.99
CA ALA C 588 -14.40 -37.44 1.63
C ALA C 588 -13.79 -36.54 2.71
N TYR C 589 -12.95 -35.60 2.29
CA TYR C 589 -12.18 -34.76 3.24
C TYR C 589 -12.30 -33.28 2.88
N TYR C 590 -13.13 -32.57 3.64
CA TYR C 590 -13.41 -31.15 3.41
C TYR C 590 -12.53 -30.24 4.26
N SER C 591 -12.20 -29.07 3.70
CA SER C 591 -11.49 -28.02 4.41
C SER C 591 -12.04 -26.64 4.03
N HIS C 592 -11.86 -25.68 4.95
CA HIS C 592 -12.27 -24.28 4.75
C HIS C 592 -11.29 -23.36 5.47
N ARG C 593 -10.70 -22.42 4.73
CA ARG C 593 -9.71 -21.50 5.28
C ARG C 593 -10.02 -20.07 4.89
N SER C 594 -10.87 -19.41 5.69
CA SER C 594 -11.09 -17.97 5.58
C SER C 594 -10.07 -17.23 6.45
N PRO C 595 -9.78 -15.95 6.14
CA PRO C 595 -8.97 -15.14 7.06
C PRO C 595 -9.56 -14.92 8.48
N LEU C 596 -10.85 -15.22 8.69
CA LEU C 596 -11.43 -15.27 10.03
C LEU C 596 -10.82 -16.41 10.86
N ALA C 597 -11.05 -17.65 10.41
CA ALA C 597 -10.55 -18.87 11.08
C ALA C 597 -10.69 -20.12 10.19
N ASN C 598 -9.90 -21.15 10.51
CA ASN C 598 -9.87 -22.43 9.75
C ASN C 598 -10.84 -23.48 10.29
N LEU C 599 -11.45 -24.24 9.37
CA LEU C 599 -12.36 -25.33 9.72
C LEU C 599 -12.27 -26.44 8.67
N SER C 600 -12.28 -27.69 9.12
CA SER C 600 -12.21 -28.87 8.25
C SER C 600 -13.10 -29.99 8.79
N ALA C 601 -13.75 -30.70 7.88
CA ALA C 601 -14.63 -31.82 8.24
C ALA C 601 -14.32 -33.03 7.38
N ASN C 602 -14.92 -34.17 7.74
CA ASN C 602 -14.68 -35.43 7.03
C ASN C 602 -15.82 -36.44 7.15
N ILE C 603 -15.90 -37.30 6.14
CA ILE C 603 -16.77 -38.49 6.16
C ILE C 603 -15.99 -39.64 5.51
N ALA C 604 -16.08 -40.83 6.11
CA ALA C 604 -15.49 -42.06 5.56
C ALA C 604 -16.35 -43.26 5.92
N SER C 605 -16.41 -44.23 5.01
CA SER C 605 -17.29 -45.39 5.14
C SER C 605 -16.62 -46.70 4.70
N LEU C 606 -16.31 -47.55 5.67
CA LEU C 606 -15.83 -48.91 5.41
C LEU C 606 -16.98 -49.79 4.95
N GLN C 607 -16.68 -50.71 4.02
CA GLN C 607 -17.70 -51.58 3.42
C GLN C 607 -18.36 -52.48 4.47
N LYS C 608 -17.52 -53.19 5.21
CA LYS C 608 -17.97 -54.05 6.31
C LYS C 608 -17.72 -53.46 7.70
N GLY C 609 -16.66 -52.66 7.85
CA GLY C 609 -16.19 -52.20 9.16
C GLY C 609 -17.05 -51.14 9.85
N TYR C 610 -17.20 -49.98 9.24
CA TYR C 610 -17.77 -48.83 9.94
C TYR C 610 -18.00 -47.61 9.04
N THR C 611 -18.71 -46.64 9.61
CA THR C 611 -18.84 -45.29 9.03
C THR C 611 -18.61 -44.25 10.13
N SER C 612 -17.88 -43.18 9.81
CA SER C 612 -17.55 -42.12 10.77
C SER C 612 -17.51 -40.75 10.12
N PHE C 613 -17.78 -39.72 10.93
CA PHE C 613 -17.65 -38.32 10.47
C PHE C 613 -17.30 -37.40 11.66
N GLY C 614 -16.55 -36.34 11.37
CA GLY C 614 -16.07 -35.39 12.38
C GLY C 614 -15.81 -33.99 11.86
N VAL C 615 -15.36 -33.10 12.76
CA VAL C 615 -15.00 -31.72 12.41
C VAL C 615 -13.78 -31.29 13.22
N SER C 616 -12.99 -30.39 12.63
CA SER C 616 -11.86 -29.76 13.30
C SER C 616 -11.78 -28.29 12.90
N ALA C 617 -11.80 -27.39 13.89
CA ALA C 617 -11.83 -25.95 13.65
C ALA C 617 -11.12 -25.15 14.75
N SER C 618 -10.36 -24.13 14.34
CA SER C 618 -9.47 -23.38 15.22
C SER C 618 -9.41 -21.93 14.77
N GLY C 619 -9.41 -20.97 15.72
CA GLY C 619 -9.52 -19.55 15.37
C GLY C 619 -9.12 -18.48 16.37
N GLY C 620 -9.18 -17.24 15.90
CA GLY C 620 -8.80 -16.04 16.67
C GLY C 620 -8.74 -14.75 15.84
N ALA C 621 -8.86 -13.63 16.53
CA ALA C 621 -8.74 -12.29 15.93
C ALA C 621 -8.46 -11.21 17.00
N UNK C 622 2.89 -10.98 19.86
CA UNK C 622 3.51 -10.72 18.56
C UNK C 622 2.49 -10.34 17.48
N UNK C 623 1.40 -9.66 17.86
CA UNK C 623 0.34 -9.28 16.92
C UNK C 623 0.59 -7.87 16.39
N UNK C 624 0.04 -7.58 15.21
CA UNK C 624 -0.08 -6.19 14.72
C UNK C 624 -1.57 -5.87 14.67
N UNK C 625 -1.93 -4.61 14.92
CA UNK C 625 -3.34 -4.22 15.07
C UNK C 625 -3.65 -2.93 14.33
N UNK C 626 -4.23 -3.09 13.13
CA UNK C 626 -4.56 -1.95 12.27
C UNK C 626 -5.95 -1.38 12.58
N UNK C 627 -5.99 -0.07 12.88
CA UNK C 627 -7.22 0.65 13.18
C UNK C 627 -7.64 1.50 11.99
N UNK C 628 -8.80 1.17 11.42
CA UNK C 628 -9.38 1.89 10.29
C UNK C 628 -10.69 2.56 10.71
N UNK C 629 -10.77 3.88 10.55
CA UNK C 629 -11.97 4.64 10.87
C UNK C 629 -13.18 4.12 10.06
N UNK C 630 -13.04 4.13 8.74
CA UNK C 630 -14.08 3.61 7.84
C UNK C 630 -14.10 2.08 7.84
N UNK C 631 -15.19 1.51 7.34
CA UNK C 631 -15.43 0.06 7.37
C UNK C 631 -14.80 -0.70 6.19
N UNK C 632 -14.60 -2.01 6.38
CA UNK C 632 -14.22 -2.97 5.30
C UNK C 632 -12.80 -2.86 4.71
N UNK C 633 -11.83 -2.37 5.48
CA UNK C 633 -10.41 -2.36 5.07
C UNK C 633 -9.48 -2.07 6.25
N UNK C 634 -5.78 -9.27 5.63
CA UNK C 634 -7.15 -9.18 6.14
C UNK C 634 -7.80 -7.85 5.80
N UNK C 635 -9.12 -7.85 5.75
CA UNK C 635 -9.93 -6.63 5.62
C UNK C 635 -10.89 -6.56 6.79
N UNK C 636 -11.10 -5.36 7.30
CA UNK C 636 -11.73 -5.14 8.60
C UNK C 636 -13.08 -4.46 8.50
N UNK C 637 -14.11 -5.14 9.00
CA UNK C 637 -15.45 -4.56 9.13
C UNK C 637 -15.43 -3.27 9.97
N UNK C 638 -14.82 -3.34 11.15
CA UNK C 638 -14.60 -2.18 12.03
C UNK C 638 -13.11 -1.85 12.18
N UNK C 639 -12.34 -2.83 12.67
CA UNK C 639 -10.88 -2.71 12.84
C UNK C 639 -10.18 -4.04 12.54
N UNK C 640 -8.85 -3.99 12.41
CA UNK C 640 -8.04 -5.12 11.88
C UNK C 640 -6.84 -5.53 12.75
N UNK C 641 -6.42 -6.79 12.59
CA UNK C 641 -5.17 -7.31 13.16
C UNK C 641 -4.42 -8.17 12.16
N UNK C 642 -3.12 -8.36 12.41
CA UNK C 642 -2.25 -9.19 11.57
C UNK C 642 -1.44 -10.14 12.46
N UNK C 643 -1.43 -11.42 12.08
CA UNK C 643 -1.03 -12.53 12.96
C UNK C 643 0.47 -12.82 13.02
N UNK C 644 1.16 -12.65 11.88
CA UNK C 644 2.53 -13.13 11.72
C UNK C 644 3.59 -12.26 12.39
N UNK C 645 3.62 -10.98 12.00
CA UNK C 645 4.67 -10.03 12.40
C UNK C 645 6.09 -10.50 12.01
N UNK C 646 6.40 -10.41 10.72
CA UNK C 646 7.67 -10.92 10.19
C UNK C 646 8.89 -10.03 10.53
N UNK C 647 8.89 -8.79 10.02
CA UNK C 647 10.06 -7.89 10.04
C UNK C 647 9.87 -6.60 10.86
N UNK C 648 10.99 -5.98 11.22
CA UNK C 648 11.08 -4.96 12.29
C UNK C 648 10.14 -3.75 12.20
N UNK C 649 9.90 -3.23 11.00
CA UNK C 649 9.03 -2.07 10.77
C UNK C 649 9.49 -0.83 11.54
N UNK C 650 8.34 -3.73 18.93
CA UNK C 650 7.56 -4.94 18.76
C UNK C 650 8.21 -6.12 19.49
N UNK C 651 7.73 -6.40 20.71
CA UNK C 651 8.35 -7.37 21.61
C UNK C 651 7.32 -8.35 22.17
N UNK C 652 6.95 -9.34 21.35
CA UNK C 652 6.06 -10.44 21.75
C UNK C 652 4.76 -10.00 22.46
N UNK C 653 4.06 -9.03 21.85
CA UNK C 653 2.79 -8.48 22.37
C UNK C 653 1.98 -7.78 21.26
N UNK C 654 0.82 -7.21 21.60
CA UNK C 654 -0.04 -6.49 20.63
C UNK C 654 0.62 -5.18 20.20
N UNK C 655 0.51 -4.85 18.91
CA UNK C 655 1.23 -3.69 18.33
C UNK C 655 0.29 -2.80 17.49
N UNK C 656 0.51 -1.48 17.56
CA UNK C 656 -0.42 -0.48 17.02
C UNK C 656 -0.02 0.05 15.65
N UNK C 657 -1.03 0.43 14.87
CA UNK C 657 -0.82 1.11 13.60
C UNK C 657 -2.11 1.86 13.24
N UNK C 658 -1.97 2.90 12.42
CA UNK C 658 -3.11 3.66 11.94
C UNK C 658 -2.83 4.13 10.53
N UNK C 659 -3.67 3.71 9.58
CA UNK C 659 -3.66 4.22 8.21
C UNK C 659 -4.94 5.03 8.01
N UNK C 660 -4.81 6.34 7.78
CA UNK C 660 -5.95 7.25 7.71
C UNK C 660 -6.05 7.86 6.30
N UNK C 661 -7.22 7.70 5.67
CA UNK C 661 -7.42 8.07 4.26
C UNK C 661 -7.34 9.58 4.02
N UNK C 662 -8.06 10.35 4.85
CA UNK C 662 -8.08 11.83 4.74
C UNK C 662 -7.24 12.51 5.84
N UNK C 663 -7.46 12.10 7.09
CA UNK C 663 -6.61 12.51 8.22
C UNK C 663 -6.42 14.03 8.29
N GLY C 664 -7.53 14.74 8.37
CA GLY C 664 -7.48 16.19 8.50
C GLY C 664 -8.77 16.84 8.93
N LYS C 665 -8.75 18.17 9.04
CA LYS C 665 -9.95 19.01 8.98
C LYS C 665 -9.75 20.08 7.92
N ARG C 666 -10.84 20.52 7.30
CA ARG C 666 -10.82 21.62 6.30
C ARG C 666 -11.60 22.82 6.85
N LEU C 667 -11.03 24.03 6.83
CA LEU C 667 -11.74 25.17 7.40
C LEU C 667 -11.16 26.50 7.03
N PHE C 668 -12.00 27.50 7.17
CA PHE C 668 -11.67 28.90 6.92
C PHE C 668 -11.28 29.53 8.22
N ALA C 669 -10.11 30.11 8.25
CA ALA C 669 -9.65 30.77 9.43
C ALA C 669 -9.54 32.22 9.07
N ILE C 670 -10.26 33.08 9.78
CA ILE C 670 -10.21 34.50 9.50
C ILE C 670 -9.21 35.03 10.52
N LEU C 671 -8.00 35.35 10.06
CA LEU C 671 -6.90 35.67 10.96
C LEU C 671 -6.72 37.15 11.16
N ARG C 672 -6.75 37.60 12.40
CA ARG C 672 -6.66 39.02 12.68
C ARG C 672 -5.54 39.26 13.67
N LEU C 673 -4.61 40.14 13.31
CA LEU C 673 -3.47 40.43 14.17
C LEU C 673 -3.96 41.21 15.38
N ALA C 674 -3.06 41.43 16.33
CA ALA C 674 -3.42 42.02 17.62
C ALA C 674 -3.99 43.43 17.52
N ASP C 675 -3.35 44.26 16.72
CA ASP C 675 -3.79 45.64 16.54
C ASP C 675 -5.14 45.79 15.85
N GLY C 676 -5.47 44.85 14.97
CA GLY C 676 -6.71 44.89 14.16
C GLY C 676 -6.51 44.45 12.71
N SER C 677 -5.32 44.75 12.19
CA SER C 677 -4.93 44.48 10.82
C SER C 677 -4.97 43.00 10.43
N GLN C 678 -4.71 42.74 9.15
CA GLN C 678 -4.75 41.40 8.60
C GLN C 678 -3.34 40.97 8.23
N PRO C 679 -3.02 39.68 8.44
CA PRO C 679 -1.74 39.22 7.91
C PRO C 679 -1.85 39.25 6.41
N PRO C 680 -0.86 39.79 5.70
CA PRO C 680 -1.11 39.98 4.26
C PRO C 680 -1.29 38.64 3.53
N PHE C 681 -2.13 38.59 2.48
CA PHE C 681 -2.23 37.36 1.73
C PHE C 681 -0.98 37.04 0.93
N GLY C 682 -0.69 35.75 0.90
CA GLY C 682 0.58 35.22 0.51
C GLY C 682 1.34 34.66 1.69
N ALA C 683 0.75 34.70 2.87
CA ALA C 683 1.48 34.32 4.07
C ALA C 683 1.11 32.90 4.40
N SER C 684 2.07 31.97 4.42
CA SER C 684 1.75 30.55 4.62
C SER C 684 1.31 30.27 6.05
N VAL C 685 0.62 29.14 6.22
CA VAL C 685 0.09 28.71 7.50
C VAL C 685 0.55 27.28 7.71
N THR C 686 1.30 27.02 8.78
CA THR C 686 1.96 25.73 8.96
C THR C 686 1.48 24.96 10.19
N SER C 687 1.29 23.65 9.98
CA SER C 687 0.80 22.74 11.01
C SER C 687 1.81 22.67 12.11
N GLU C 688 1.31 22.51 13.34
CA GLU C 688 2.18 22.29 14.50
C GLU C 688 3.31 21.33 14.13
N LYS C 689 2.96 20.21 13.49
CA LYS C 689 3.93 19.17 13.12
C LYS C 689 4.79 19.49 11.90
N GLY C 690 4.86 20.76 11.50
CA GLY C 690 5.65 21.18 10.34
C GLY C 690 5.08 20.73 9.02
N ARG C 691 3.88 21.21 8.68
CA ARG C 691 3.24 20.82 7.43
C ARG C 691 2.44 21.98 6.87
N GLU C 692 2.63 22.28 5.58
CA GLU C 692 2.01 23.45 4.97
C GLU C 692 0.51 23.19 4.76
N LEU C 693 -0.32 23.99 5.41
CA LEU C 693 -1.77 23.78 5.44
C LEU C 693 -2.57 24.66 4.52
N GLY C 694 -2.06 25.85 4.21
CA GLY C 694 -2.77 26.83 3.40
C GLY C 694 -2.11 28.18 3.38
N MET C 695 -2.86 29.20 2.96
CA MET C 695 -2.31 30.55 2.88
C MET C 695 -3.35 31.60 3.06
N VAL C 696 -2.87 32.82 3.28
CA VAL C 696 -3.74 33.93 3.53
C VAL C 696 -4.26 34.38 2.19
N ALA C 697 -5.53 34.80 2.21
CA ALA C 697 -6.37 35.13 1.05
C ALA C 697 -6.66 36.61 1.05
N ASP C 698 -7.66 37.03 0.28
CA ASP C 698 -7.88 38.44 -0.02
C ASP C 698 -8.16 39.23 1.26
N GLU C 699 -8.87 38.63 2.22
CA GLU C 699 -9.14 39.33 3.47
C GLU C 699 -8.76 38.48 4.65
N GLY C 700 -7.47 38.46 4.97
CA GLY C 700 -6.96 37.72 6.12
C GLY C 700 -7.62 36.36 6.31
N LEU C 701 -7.99 35.72 5.21
CA LEU C 701 -8.83 34.53 5.22
C LEU C 701 -7.95 33.41 4.79
N ALA C 702 -8.15 32.26 5.38
CA ALA C 702 -7.21 31.17 5.19
C ALA C 702 -8.00 29.92 5.12
N TRP C 703 -8.04 29.34 3.92
CA TRP C 703 -8.59 28.01 3.79
C TRP C 703 -7.49 27.01 4.08
N LEU C 704 -7.73 26.15 5.05
CA LEU C 704 -6.74 25.22 5.55
C LEU C 704 -7.30 23.82 5.50
N SER C 705 -6.54 22.89 4.93
CA SER C 705 -6.91 21.47 4.94
C SER C 705 -5.87 20.69 5.69
N GLY C 706 -6.32 19.70 6.46
CA GLY C 706 -5.46 18.94 7.36
C GLY C 706 -5.25 19.61 8.69
N VAL C 707 -6.19 20.44 9.11
CA VAL C 707 -6.09 21.12 10.37
C VAL C 707 -6.39 20.09 11.43
N THR C 708 -5.46 19.92 12.37
CA THR C 708 -5.66 19.05 13.53
C THR C 708 -6.19 19.92 14.65
N PRO C 709 -7.38 19.59 15.16
CA PRO C 709 -8.02 20.48 16.14
C PRO C 709 -7.38 20.44 17.54
N GLY C 710 -7.03 21.61 18.07
CA GLY C 710 -6.28 21.73 19.32
C GLY C 710 -4.88 22.24 19.08
N GLU C 711 -4.38 22.08 17.84
CA GLU C 711 -3.01 22.42 17.52
C GLU C 711 -2.78 23.92 17.43
N THR C 712 -1.51 24.31 17.51
CA THR C 712 -1.10 25.69 17.41
C THR C 712 -0.44 25.86 16.05
N LEU C 713 -1.09 26.64 15.19
CA LEU C 713 -0.55 26.94 13.86
C LEU C 713 0.34 28.15 13.94
N SER C 714 1.21 28.25 12.93
CA SER C 714 2.14 29.38 12.78
C SER C 714 2.04 30.01 11.38
N VAL C 715 2.12 31.34 11.38
CA VAL C 715 1.72 32.15 10.25
C VAL C 715 2.99 32.86 9.78
N ASN C 716 3.40 32.52 8.55
CA ASN C 716 4.75 32.73 8.05
C ASN C 716 4.78 33.67 6.90
N TRP C 717 5.46 34.79 7.08
CA TRP C 717 5.59 35.77 6.01
C TRP C 717 6.79 36.65 6.31
N ASP C 718 7.50 37.09 5.29
CA ASP C 718 8.66 37.97 5.47
C ASP C 718 9.90 37.24 6.01
N GLY C 719 9.98 35.93 5.78
CA GLY C 719 11.18 35.14 6.10
C GLY C 719 11.31 34.66 7.53
N LYS C 720 10.21 34.76 8.27
CA LYS C 720 10.17 34.41 9.69
C LYS C 720 8.72 34.23 10.13
N ILE C 721 8.50 33.38 11.11
CA ILE C 721 7.18 33.23 11.73
C ILE C 721 6.81 34.60 12.30
N GLN C 722 5.56 35.00 12.14
CA GLN C 722 5.12 36.35 12.52
C GLN C 722 4.00 36.41 13.53
N CYS C 723 3.17 35.39 13.52
CA CYS C 723 2.28 35.18 14.63
C CYS C 723 1.84 33.75 14.53
N GLN C 724 1.17 33.31 15.57
CA GLN C 724 0.65 31.97 15.67
C GLN C 724 -0.80 32.09 16.07
N VAL C 725 -1.54 31.01 15.91
CA VAL C 725 -2.97 30.96 16.23
C VAL C 725 -3.31 29.65 16.86
N ASN C 726 -4.42 29.64 17.58
CA ASN C 726 -4.81 28.50 18.38
C ASN C 726 -6.06 27.83 17.86
N VAL C 727 -5.88 26.80 17.03
CA VAL C 727 -7.00 26.04 16.51
C VAL C 727 -7.65 25.32 17.69
N PRO C 728 -8.94 25.61 17.93
CA PRO C 728 -9.59 24.98 19.07
C PRO C 728 -9.87 23.48 18.87
N GLU C 729 -10.04 22.77 19.97
CA GLU C 729 -10.50 21.36 19.97
C GLU C 729 -11.90 21.24 19.38
N THR C 730 -12.72 22.26 19.63
CA THR C 730 -14.10 22.31 19.17
C THR C 730 -14.24 22.51 17.64
N ALA C 731 -13.14 22.93 16.99
CA ALA C 731 -13.09 23.08 15.53
C ALA C 731 -13.32 21.78 14.75
N ILE C 732 -14.21 21.86 13.77
CA ILE C 732 -14.52 20.77 12.85
C ILE C 732 -14.49 21.32 11.41
N SER C 733 -14.83 20.48 10.43
CA SER C 733 -14.72 20.85 9.02
C SER C 733 -15.72 21.92 8.61
N ASP C 734 -15.31 22.72 7.63
CA ASP C 734 -16.19 23.68 6.97
C ASP C 734 -16.77 24.68 7.97
N GLN C 735 -15.88 25.31 8.71
CA GLN C 735 -16.29 26.32 9.67
C GLN C 735 -15.52 27.55 9.38
N GLN C 736 -16.13 28.71 9.63
CA GLN C 736 -15.42 29.99 9.55
C GLN C 736 -15.04 30.41 10.95
N LEU C 737 -13.74 30.45 11.22
CA LEU C 737 -13.18 30.73 12.54
C LEU C 737 -12.52 32.09 12.62
N LEU C 738 -13.02 32.92 13.52
CA LEU C 738 -12.28 34.11 13.92
C LEU C 738 -11.21 33.70 14.98
N LEU C 739 -9.97 33.58 14.50
CA LEU C 739 -8.84 33.19 15.31
C LEU C 739 -7.91 34.37 15.31
N PRO C 740 -7.48 34.80 16.51
CA PRO C 740 -6.61 35.96 16.55
C PRO C 740 -5.16 35.55 16.38
N CYS C 741 -4.47 36.23 15.49
CA CYS C 741 -3.08 35.97 15.23
C CYS C 741 -2.17 36.76 16.22
N THR C 742 -1.40 36.01 17.00
CA THR C 742 -0.59 36.57 18.06
C THR C 742 0.86 36.06 17.99
N PRO C 743 1.85 36.92 18.28
CA PRO C 743 3.27 36.55 18.12
C PRO C 743 3.71 35.43 19.05
N GLN C 744 4.75 34.71 18.65
CA GLN C 744 5.19 33.49 19.36
C GLN C 744 5.91 33.79 20.69
#